data_8IZP
#
_entry.id   8IZP
#
_cell.length_a   1.00
_cell.length_b   1.00
_cell.length_c   1.00
_cell.angle_alpha   90.00
_cell.angle_beta   90.00
_cell.angle_gamma   90.00
#
_symmetry.space_group_name_H-M   'P 1'
#
_entity_poly.entity_id   1
_entity_poly.type   'polypeptide(L)'
_entity_poly.pdbx_seq_one_letter_code
;MDALCGSGELGSKFWDSNLSVHTENPDLTPCFQNSLLAWVPCIYLWVALPCYLLYLRHHCRGYIILSHLSKLKMVLGVLL
WCVSWADLFYSFHGLVHGRAPAPVFFVTPLVVGVTMLLATLLIQYERLQGVQSSGVLIIFWFLCVVCAIVPFRSKILLAK
AEGEISDPFRFTTFYIHFALVLSALILACFREKPPFFSAKNVDPNPYPETSAGFLSRLFFWWFTKMAIYGYRHPLEEKDL
WSLKEEDRSQMVVQQLLEAWRKQEKQTARHKASAAPGKNASGEDEVLLGARPRPRKPSFLKALLATFGSSFLISACFKLI
QDLLSFINPQLLSILIRFISNPMGPSWWGFLVAGLMFLCSMMQSLILQHYYHYIFVTGVKFRTGIMGVIYRKALVITNSV
KRASTVGEIVNLMSVDAQRFMDLAPFLNLLWSAPLQIILAIYFLWQNLGPSVLAGVAFMVLLIPLNGAVAVKMRAFQVKQ
MKLKDSRIKLMSEILNGIKVLKLYAWEPSFLKQVEGIRQGELQLLRTAAYLHTTTTFTWMCSPFLVTLITLWVYVYVDPN
NVLDAEKAFVSVSLFNILRLPLNMLPQLISNLTQASVSLKRIQQFLSQEELDPQSVERKTISPGYAITIHSGTFTWAQDL
PPTLHSLDIQVPKGALVAVVGPVGCGKSSLVSALLGEMEKLEGKVHMKGSVAYVPQQAWIQNCTLQENVLFGKALNPKRY
QQTLEACALLADLEMLPGGDQTEIGEKGINLSGGQRQRVSLARAVYSDADIFLLDDPLSAVDSHVAKHIFDHVIGPEGVL
AGKTRVLVTHGISFLPQTDFIIVLADGQVSEMGPYPALLQRNGSFANFLCNYAPDEDQGHLEDSWTALEGAEDKEALLIE
DTLSNHTDLTDNDPVTYVVQKQFMRQLSALSSDGEGQGRPVPRRHLGPSEKVQVTEAKADGALTQEEKAAIGTVELSVFW
DYAKAVGLCTTLAICLLYVGQSAAAIGANVWLSAWTNDAMADSRQNNTSLRLGVYAALGILQGFLVMLAAMAMAAGGIQA
ARVLHQALLHNKIRSPQSFFDTTPSGRILNCFSKDIYVVDEVLAPVILMLLNSFFNAISTLVVIMASTPLFTVVILPLAV
LYTLVQRFYAATSRQLKRLESVSRSPIYSHFSETVTGASVIRAYNRSRDFEIISDTKVDANQRSCYPYIISNRWLSIGVE
FVGNCVVLFAALFAVIGRSSLNPGLVGLSVSYSLQVTFALNWMIRMMSDLESNIVAVERVKEYSKTETEAPWVVEGSRPP
EGWPPRGEVEFRNYSVRYRPGLDLVLRDLSLHVHGGEKVGIVGRTGAGKSSMTLCLFRILEAAKGEIRIDGLNVADIGLH
DVRSQLTIIPQDPILFSGTLRMNLDPFGSYSEEDIWWALELSHLHTFVSSQPAGLDFQCSEGGENLSVGQRQLVCLARAL
LRKSRILVLDEATAAIDLETDNLIQATIRTQFDTCTVLTIAHRLNTIMDYTRVLVLDKGVVAEFDSPANLIAARGIFYGM
ARDAGLALEENLYFQGSGGGGGGDYKDHDGDYKDHDIDYKDDDDKHHHHHH
;
_entity_poly.pdbx_strand_id   A
#
# COMPACT_ATOMS: atom_id res chain seq x y z
N VAL A 202 7.58 20.31 -32.93
CA VAL A 202 6.50 19.29 -32.79
C VAL A 202 6.45 18.90 -31.31
N ASP A 203 6.81 17.66 -30.97
CA ASP A 203 6.87 17.29 -29.54
C ASP A 203 8.33 16.99 -29.25
N PRO A 204 8.91 17.35 -28.09
CA PRO A 204 10.28 16.99 -27.81
C PRO A 204 10.56 15.47 -27.73
N ASN A 205 9.68 14.66 -27.11
CA ASN A 205 9.88 13.19 -26.97
C ASN A 205 8.73 12.46 -27.65
N PRO A 206 8.86 11.85 -28.84
CA PRO A 206 7.74 11.18 -29.46
C PRO A 206 7.76 9.65 -29.34
N TYR A 207 6.62 8.96 -29.40
CA TYR A 207 6.62 7.47 -29.34
C TYR A 207 7.56 6.98 -30.42
N PRO A 208 8.71 6.37 -30.07
CA PRO A 208 9.70 5.98 -31.07
C PRO A 208 9.12 5.16 -32.25
N GLU A 209 8.20 4.23 -32.00
CA GLU A 209 7.70 3.35 -33.08
C GLU A 209 7.43 4.17 -34.33
N THR A 210 6.51 5.12 -34.25
CA THR A 210 6.13 5.95 -35.43
C THR A 210 7.23 5.89 -36.50
N SER A 211 8.46 6.27 -36.13
CA SER A 211 9.59 6.30 -37.11
C SER A 211 10.51 5.09 -36.88
N ALA A 212 10.40 4.06 -37.73
CA ALA A 212 11.27 2.87 -37.63
C ALA A 212 11.15 2.04 -38.91
N GLY A 213 12.17 1.24 -39.23
CA GLY A 213 12.16 0.46 -40.48
C GLY A 213 11.90 -1.01 -40.25
N PHE A 214 11.60 -1.76 -41.32
CA PHE A 214 11.25 -3.19 -41.17
C PHE A 214 12.16 -3.87 -40.14
N LEU A 215 13.41 -3.46 -40.02
CA LEU A 215 14.34 -4.20 -39.12
C LEU A 215 14.40 -3.63 -37.73
N SER A 216 13.71 -2.57 -37.42
CA SER A 216 13.79 -2.08 -36.03
C SER A 216 12.41 -2.14 -35.44
N ARG A 217 11.49 -2.72 -36.14
CA ARG A 217 10.12 -2.71 -35.64
C ARG A 217 9.71 -4.16 -35.54
N LEU A 218 10.58 -5.07 -35.93
CA LEU A 218 10.28 -6.53 -35.95
C LEU A 218 11.04 -7.05 -34.76
N PHE A 219 12.14 -6.41 -34.43
CA PHE A 219 13.00 -6.88 -33.34
C PHE A 219 12.97 -5.94 -32.13
N PHE A 220 12.09 -4.95 -32.10
CA PHE A 220 11.94 -3.99 -31.00
C PHE A 220 13.25 -3.36 -30.62
N TRP A 221 14.02 -2.85 -31.54
CA TRP A 221 15.29 -2.16 -31.25
C TRP A 221 15.06 -0.71 -30.89
N TRP A 222 13.85 -0.24 -30.94
CA TRP A 222 13.56 1.17 -30.65
C TRP A 222 13.50 1.42 -29.14
N PHE A 223 13.34 0.39 -28.30
CA PHE A 223 13.38 0.56 -26.83
C PHE A 223 14.83 0.60 -26.42
N THR A 224 15.78 0.46 -27.33
CA THR A 224 17.18 0.38 -26.85
C THR A 224 17.60 1.64 -26.14
N LYS A 225 17.35 2.81 -26.69
CA LYS A 225 17.87 4.03 -26.01
C LYS A 225 17.28 4.20 -24.62
N MET A 226 16.00 3.93 -24.39
CA MET A 226 15.52 4.14 -23.01
C MET A 226 16.28 3.16 -22.14
N ALA A 227 16.53 1.95 -22.62
CA ALA A 227 17.14 0.91 -21.76
C ALA A 227 18.54 1.27 -21.33
N ILE A 228 19.35 1.76 -22.24
CA ILE A 228 20.73 2.18 -21.88
C ILE A 228 20.65 3.33 -20.89
N TYR A 229 19.78 4.30 -21.11
CA TYR A 229 19.63 5.49 -20.23
C TYR A 229 19.19 5.07 -18.85
N GLY A 230 18.23 4.19 -18.74
CA GLY A 230 17.72 3.87 -17.40
C GLY A 230 18.80 3.34 -16.50
N TYR A 231 19.67 2.50 -17.00
CA TYR A 231 20.65 1.89 -16.09
C TYR A 231 21.52 2.98 -15.53
N ARG A 232 22.12 3.81 -16.38
CA ARG A 232 23.09 4.83 -15.91
C ARG A 232 22.42 6.01 -15.19
N HIS A 233 21.28 6.54 -15.66
CA HIS A 233 20.66 7.76 -15.08
C HIS A 233 19.34 7.38 -14.44
N PRO A 234 18.74 8.22 -13.58
CA PRO A 234 17.55 7.82 -12.90
C PRO A 234 16.51 8.11 -13.98
N LEU A 235 15.29 7.59 -13.89
CA LEU A 235 14.21 7.91 -14.87
C LEU A 235 13.14 8.71 -14.16
N GLU A 236 12.60 9.74 -14.81
CA GLU A 236 11.63 10.63 -14.16
C GLU A 236 10.40 10.73 -15.05
N GLU A 237 9.28 11.21 -14.55
CA GLU A 237 8.01 11.17 -15.33
C GLU A 237 8.13 11.97 -16.60
N LYS A 238 9.15 12.80 -16.73
CA LYS A 238 9.25 13.67 -17.92
C LYS A 238 10.15 13.04 -18.98
N ASP A 239 10.69 11.85 -18.75
CA ASP A 239 11.48 11.16 -19.80
C ASP A 239 10.67 10.05 -20.42
N LEU A 240 9.47 9.78 -19.90
CA LEU A 240 8.58 8.77 -20.50
C LEU A 240 8.04 9.36 -21.80
N TRP A 241 7.92 8.53 -22.85
CA TRP A 241 7.51 9.02 -24.19
C TRP A 241 6.08 9.56 -24.19
N SER A 242 5.70 10.27 -25.25
CA SER A 242 4.32 10.80 -25.38
C SER A 242 3.45 9.79 -26.13
N LEU A 243 2.27 9.50 -25.63
CA LEU A 243 1.40 8.47 -26.24
C LEU A 243 1.09 8.87 -27.69
N LYS A 244 0.68 7.90 -28.51
CA LYS A 244 0.33 8.16 -29.91
C LYS A 244 -1.04 8.80 -29.85
N GLU A 245 -1.62 9.20 -30.97
CA GLU A 245 -2.88 9.95 -30.88
C GLU A 245 -4.11 9.06 -31.02
N ASP A 247 -4.44 6.43 -29.01
CA ASP A 247 -4.42 5.69 -27.72
C ASP A 247 -4.87 6.62 -26.60
N ARG A 248 -4.58 7.92 -26.72
CA ARG A 248 -4.95 8.89 -25.65
C ARG A 248 -6.38 8.62 -25.18
N SER A 249 -6.60 8.59 -23.86
CA SER A 249 -7.94 8.24 -23.32
C SER A 249 -9.04 8.94 -24.12
N GLN A 250 -8.97 10.25 -24.26
CA GLN A 250 -10.03 11.03 -24.97
C GLN A 250 -10.56 10.22 -26.16
N MET A 251 -9.70 9.49 -26.87
CA MET A 251 -10.14 8.74 -28.08
C MET A 251 -10.71 7.37 -27.68
N VAL A 252 -9.97 6.56 -26.93
CA VAL A 252 -10.46 5.20 -26.59
C VAL A 252 -11.85 5.34 -25.98
N VAL A 253 -12.03 6.24 -25.01
CA VAL A 253 -13.35 6.33 -24.33
C VAL A 253 -14.38 6.70 -25.37
N GLN A 254 -14.03 7.51 -26.35
CA GLN A 254 -15.05 7.97 -27.32
C GLN A 254 -15.59 6.75 -28.05
N GLN A 255 -14.70 5.87 -28.48
CA GLN A 255 -15.14 4.69 -29.25
C GLN A 255 -15.97 3.78 -28.35
N LEU A 256 -15.58 3.53 -27.12
CA LEU A 256 -16.43 2.59 -26.34
C LEU A 256 -17.81 3.22 -26.15
N LEU A 257 -17.91 4.52 -25.88
CA LEU A 257 -19.23 5.13 -25.58
C LEU A 257 -20.08 5.07 -26.84
N GLU A 258 -19.48 5.28 -28.01
CA GLU A 258 -20.32 5.35 -29.22
C GLU A 258 -21.06 4.04 -29.33
N ALA A 259 -20.41 2.93 -29.02
CA ALA A 259 -21.10 1.66 -29.19
C ALA A 259 -22.19 1.61 -28.17
N TRP A 260 -21.87 1.89 -26.93
CA TRP A 260 -22.92 1.69 -25.90
C TRP A 260 -24.11 2.52 -26.36
N ARG A 261 -23.87 3.71 -26.88
CA ARG A 261 -25.00 4.57 -27.27
C ARG A 261 -25.76 3.86 -28.39
N LYS A 262 -25.09 3.36 -29.41
CA LYS A 262 -25.84 2.75 -30.53
C LYS A 262 -26.68 1.65 -29.94
N GLN A 263 -26.05 0.74 -29.20
CA GLN A 263 -26.78 -0.41 -28.65
C GLN A 263 -27.85 0.06 -27.65
N GLU A 264 -27.57 1.02 -26.76
CA GLU A 264 -28.59 1.60 -25.82
C GLU A 264 -29.66 2.41 -26.56
N LYS A 265 -29.28 3.19 -27.57
CA LYS A 265 -30.30 3.91 -28.37
C LYS A 265 -31.16 2.83 -29.00
N GLN A 266 -30.49 1.80 -29.50
CA GLN A 266 -31.25 0.66 -30.06
C GLN A 266 -31.81 -0.13 -28.89
N THR A 267 -31.34 0.10 -27.66
CA THR A 267 -31.96 -0.58 -26.48
C THR A 267 -33.39 -0.07 -26.26
N ALA A 268 -33.64 1.20 -26.56
CA ALA A 268 -35.05 1.62 -26.46
C ALA A 268 -35.79 0.69 -27.41
N ARG A 269 -35.24 0.47 -28.60
CA ARG A 269 -35.85 -0.52 -29.55
C ARG A 269 -35.72 -1.94 -28.98
N HIS A 270 -34.57 -2.30 -28.41
CA HIS A 270 -34.35 -3.68 -27.91
C HIS A 270 -35.29 -4.01 -26.74
N LYS A 271 -35.41 -3.12 -25.77
CA LYS A 271 -36.37 -3.32 -24.66
C LYS A 271 -37.79 -3.29 -25.23
N ALA A 272 -38.04 -2.40 -26.20
CA ALA A 272 -39.38 -2.26 -26.80
C ALA A 272 -39.79 -3.57 -27.47
N SER A 273 -38.88 -4.23 -28.19
CA SER A 273 -39.19 -5.56 -28.77
C SER A 273 -39.41 -6.59 -27.67
N PRO A 294 -36.07 -8.64 -20.74
CA PRO A 294 -36.06 -7.79 -21.94
C PRO A 294 -34.67 -7.86 -22.60
N ARG A 295 -34.53 -7.35 -23.83
CA ARG A 295 -33.20 -7.31 -24.49
C ARG A 295 -32.47 -6.11 -23.92
N LYS A 296 -32.01 -6.22 -22.68
CA LYS A 296 -31.32 -5.12 -21.98
C LYS A 296 -30.03 -4.79 -22.72
N PRO A 297 -29.56 -3.54 -22.77
CA PRO A 297 -28.39 -3.25 -23.56
C PRO A 297 -27.26 -4.05 -22.92
N SER A 298 -26.29 -4.53 -23.70
CA SER A 298 -25.21 -5.38 -23.13
C SER A 298 -23.83 -4.76 -23.37
N PHE A 299 -23.04 -4.53 -22.34
CA PHE A 299 -21.66 -4.04 -22.52
C PHE A 299 -20.94 -5.11 -23.31
N LEU A 300 -21.21 -6.39 -23.10
CA LEU A 300 -20.37 -7.36 -23.82
C LEU A 300 -20.53 -7.10 -25.32
N LYS A 301 -21.71 -6.81 -25.84
CA LYS A 301 -21.79 -6.60 -27.31
C LYS A 301 -21.03 -5.34 -27.71
N ALA A 302 -20.95 -4.33 -26.86
CA ALA A 302 -20.09 -3.17 -27.17
C ALA A 302 -18.61 -3.47 -27.03
N LEU A 303 -18.19 -4.21 -26.03
CA LEU A 303 -16.74 -4.42 -25.94
C LEU A 303 -16.37 -5.17 -27.20
N LEU A 304 -17.20 -6.12 -27.66
CA LEU A 304 -16.91 -6.95 -28.87
C LEU A 304 -16.97 -6.17 -30.17
N ALA A 305 -17.91 -5.27 -30.36
CA ALA A 305 -17.86 -4.48 -31.59
C ALA A 305 -16.64 -3.56 -31.61
N THR A 306 -16.35 -2.91 -30.50
CA THR A 306 -15.24 -1.95 -30.51
C THR A 306 -13.88 -2.61 -30.61
N PHE A 307 -13.62 -3.69 -29.88
CA PHE A 307 -12.24 -4.26 -29.87
C PHE A 307 -12.22 -5.62 -30.54
N GLY A 308 -13.35 -6.07 -31.05
CA GLY A 308 -13.45 -7.42 -31.65
C GLY A 308 -12.71 -7.66 -32.93
N SER A 309 -12.63 -6.70 -33.83
CA SER A 309 -11.82 -6.95 -35.05
C SER A 309 -10.34 -7.10 -34.71
N SER A 310 -9.81 -6.37 -33.74
CA SER A 310 -8.41 -6.58 -33.29
C SER A 310 -8.19 -7.96 -32.70
N PHE A 311 -9.10 -8.53 -31.90
CA PHE A 311 -8.81 -9.89 -31.41
C PHE A 311 -8.71 -10.82 -32.61
N LEU A 312 -9.55 -10.67 -33.61
CA LEU A 312 -9.44 -11.65 -34.72
C LEU A 312 -8.07 -11.54 -35.40
N ILE A 313 -7.44 -10.38 -35.51
CA ILE A 313 -6.07 -10.40 -36.09
C ILE A 313 -5.21 -11.22 -35.15
N SER A 314 -5.31 -11.03 -33.84
CA SER A 314 -4.40 -11.72 -32.89
C SER A 314 -4.61 -13.20 -32.97
N ALA A 315 -5.80 -13.65 -33.31
CA ALA A 315 -5.92 -15.11 -33.40
C ALA A 315 -4.98 -15.61 -34.47
N CYS A 316 -4.88 -14.97 -35.62
CA CYS A 316 -4.03 -15.55 -36.67
C CYS A 316 -2.58 -15.58 -36.25
N PHE A 317 -2.05 -14.58 -35.56
CA PHE A 317 -0.65 -14.71 -35.11
C PHE A 317 -0.53 -15.89 -34.15
N LYS A 318 -1.52 -16.18 -33.32
CA LYS A 318 -1.47 -17.39 -32.49
C LYS A 318 -1.64 -18.66 -33.32
N LEU A 319 -2.47 -18.74 -34.33
CA LEU A 319 -2.49 -20.02 -35.06
C LEU A 319 -1.11 -20.24 -35.69
N ILE A 320 -0.45 -19.26 -36.24
CA ILE A 320 0.88 -19.53 -36.83
C ILE A 320 1.88 -19.94 -35.74
N GLN A 321 1.95 -19.36 -34.55
CA GLN A 321 2.89 -19.85 -33.53
C GLN A 321 2.52 -21.27 -33.11
N ASP A 322 1.24 -21.61 -32.94
CA ASP A 322 0.82 -22.96 -32.48
C ASP A 322 1.18 -24.01 -33.52
N LEU A 323 1.10 -23.71 -34.80
CA LEU A 323 1.33 -24.73 -35.87
C LEU A 323 2.75 -24.68 -36.44
N LEU A 324 3.63 -23.79 -36.01
CA LEU A 324 5.04 -23.71 -36.45
C LEU A 324 5.88 -24.15 -35.27
N SER A 325 5.27 -24.67 -34.21
CA SER A 325 6.01 -25.16 -33.04
C SER A 325 6.09 -26.66 -33.10
N PHE A 326 5.45 -27.27 -34.07
CA PHE A 326 5.51 -28.73 -34.22
C PHE A 326 6.44 -29.07 -35.38
N ILE A 327 7.06 -28.09 -36.03
CA ILE A 327 8.07 -28.36 -37.08
C ILE A 327 9.37 -28.82 -36.46
N ASN A 328 9.86 -28.17 -35.41
CA ASN A 328 11.16 -28.52 -34.79
C ASN A 328 11.15 -29.93 -34.19
N PRO A 329 10.15 -30.44 -33.46
CA PRO A 329 10.16 -31.82 -33.05
C PRO A 329 10.22 -32.76 -34.25
N GLN A 330 9.64 -32.42 -35.40
CA GLN A 330 9.60 -33.34 -36.57
C GLN A 330 10.90 -33.25 -37.37
N LEU A 331 11.57 -32.10 -37.38
CA LEU A 331 12.89 -31.97 -38.07
C LEU A 331 13.94 -32.71 -37.23
N LEU A 332 13.78 -32.75 -35.91
CA LEU A 332 14.71 -33.54 -35.08
C LEU A 332 14.68 -34.98 -35.58
N SER A 333 13.50 -35.54 -35.78
CA SER A 333 13.36 -36.95 -36.22
C SER A 333 14.14 -37.17 -37.52
N ILE A 334 14.47 -36.11 -38.26
CA ILE A 334 15.18 -36.27 -39.56
C ILE A 334 16.68 -36.24 -39.31
N LEU A 335 17.13 -35.50 -38.29
CA LEU A 335 18.58 -35.50 -37.94
C LEU A 335 18.93 -36.85 -37.29
N ILE A 336 18.06 -37.39 -36.43
CA ILE A 336 18.36 -38.66 -35.71
C ILE A 336 18.15 -39.79 -36.69
N ARG A 337 17.71 -39.50 -37.91
CA ARG A 337 17.58 -40.51 -38.98
C ARG A 337 18.61 -40.20 -40.05
N PHE A 338 19.49 -39.23 -39.80
CA PHE A 338 20.63 -38.96 -40.72
C PHE A 338 21.85 -39.54 -40.06
N ILE A 339 22.03 -39.30 -38.76
CA ILE A 339 23.28 -39.74 -38.11
C ILE A 339 23.30 -41.26 -38.22
N SER A 340 22.15 -41.89 -38.40
CA SER A 340 22.05 -43.35 -38.60
C SER A 340 22.62 -43.79 -39.94
N ASN A 341 22.45 -43.02 -41.00
CA ASN A 341 22.91 -43.48 -42.32
C ASN A 341 24.27 -42.89 -42.58
N PRO A 342 25.35 -43.67 -42.64
CA PRO A 342 26.64 -43.13 -42.97
C PRO A 342 26.67 -42.59 -44.40
N MET A 343 25.98 -43.25 -45.33
CA MET A 343 25.99 -42.85 -46.78
C MET A 343 24.94 -41.78 -47.06
N GLY A 344 25.09 -40.59 -46.48
CA GLY A 344 24.18 -39.46 -46.76
C GLY A 344 25.03 -38.24 -46.98
N PRO A 345 24.76 -37.40 -48.00
CA PRO A 345 25.63 -36.28 -48.27
C PRO A 345 25.53 -35.34 -47.07
N SER A 346 26.63 -34.72 -46.65
CA SER A 346 26.62 -33.87 -45.44
C SER A 346 25.72 -32.65 -45.64
N TRP A 347 25.42 -32.29 -46.88
CA TRP A 347 24.53 -31.14 -47.15
C TRP A 347 23.19 -31.39 -46.49
N TRP A 348 22.72 -32.63 -46.47
CA TRP A 348 21.36 -32.84 -45.94
C TRP A 348 21.40 -32.37 -44.51
N GLY A 349 22.47 -32.64 -43.81
CA GLY A 349 22.54 -32.29 -42.39
C GLY A 349 22.61 -30.82 -42.16
N PHE A 350 23.42 -30.10 -42.93
CA PHE A 350 23.58 -28.66 -42.67
C PHE A 350 22.26 -27.95 -42.99
N LEU A 351 21.46 -28.43 -43.95
CA LEU A 351 20.12 -27.83 -44.17
C LEU A 351 19.19 -28.09 -42.98
N VAL A 352 19.13 -29.28 -42.40
CA VAL A 352 18.19 -29.46 -41.25
C VAL A 352 18.67 -28.61 -40.09
N ALA A 353 19.96 -28.35 -39.92
CA ALA A 353 20.45 -27.45 -38.85
C ALA A 353 20.05 -26.02 -39.07
N GLY A 354 20.10 -25.53 -40.29
CA GLY A 354 19.61 -24.19 -40.63
C GLY A 354 18.09 -24.08 -40.62
N LEU A 355 17.35 -25.05 -41.10
CA LEU A 355 15.91 -24.86 -41.13
C LEU A 355 15.35 -25.08 -39.72
N MET A 356 16.13 -25.55 -38.76
CA MET A 356 15.70 -25.68 -37.35
C MET A 356 16.03 -24.39 -36.61
N PHE A 357 16.78 -23.47 -37.19
CA PHE A 357 16.98 -22.13 -36.59
C PHE A 357 16.02 -21.18 -37.28
N LEU A 358 15.78 -21.27 -38.59
CA LEU A 358 14.76 -20.38 -39.19
C LEU A 358 13.38 -20.68 -38.64
N CYS A 359 12.93 -21.92 -38.52
CA CYS A 359 11.56 -22.10 -37.98
C CYS A 359 11.51 -21.61 -36.54
N SER A 360 12.59 -21.69 -35.80
CA SER A 360 12.63 -21.12 -34.45
C SER A 360 12.62 -19.60 -34.49
N MET A 361 13.32 -18.96 -35.42
CA MET A 361 13.29 -17.47 -35.39
C MET A 361 11.87 -17.01 -35.73
N MET A 362 11.25 -17.60 -36.76
CA MET A 362 9.91 -17.14 -37.20
C MET A 362 8.88 -17.38 -36.10
N GLN A 363 9.14 -18.27 -35.15
CA GLN A 363 8.13 -18.57 -34.12
C GLN A 363 8.26 -17.53 -33.01
N SER A 364 9.48 -17.12 -32.68
CA SER A 364 9.71 -16.09 -31.64
C SER A 364 9.19 -14.75 -32.14
N LEU A 365 9.84 -14.15 -33.15
CA LEU A 365 9.45 -12.80 -33.64
C LEU A 365 7.96 -12.74 -33.97
N ILE A 366 7.22 -13.86 -33.90
CA ILE A 366 5.75 -13.78 -34.10
C ILE A 366 5.11 -13.75 -32.71
N LEU A 367 5.47 -14.69 -31.84
CA LEU A 367 4.81 -14.70 -30.53
C LEU A 367 5.03 -13.36 -29.89
N GLN A 368 6.22 -12.79 -29.92
CA GLN A 368 6.50 -11.56 -29.16
C GLN A 368 5.84 -10.43 -29.88
N HIS A 369 5.14 -10.67 -30.97
CA HIS A 369 4.39 -9.60 -31.66
C HIS A 369 2.91 -9.86 -31.52
N TYR A 370 2.49 -10.94 -30.87
CA TYR A 370 1.08 -11.19 -30.50
C TYR A 370 1.05 -10.62 -29.12
N TYR A 371 2.08 -10.88 -28.32
CA TYR A 371 2.10 -10.38 -26.93
C TYR A 371 2.04 -8.88 -27.01
N HIS A 372 2.69 -8.20 -27.92
CA HIS A 372 2.53 -6.73 -27.95
C HIS A 372 1.07 -6.43 -28.20
N TYR A 373 0.36 -7.10 -29.09
CA TYR A 373 -1.05 -6.73 -29.29
C TYR A 373 -1.92 -7.17 -28.14
N ILE A 374 -1.78 -8.35 -27.56
CA ILE A 374 -2.73 -8.71 -26.49
C ILE A 374 -2.50 -7.83 -25.29
N PHE A 375 -1.28 -7.52 -24.90
CA PHE A 375 -1.10 -6.69 -23.70
C PHE A 375 -1.56 -5.26 -23.92
N VAL A 376 -1.26 -4.59 -25.03
CA VAL A 376 -1.70 -3.19 -25.34
C VAL A 376 -3.21 -3.17 -25.41
N THR A 377 -3.91 -4.19 -25.90
CA THR A 377 -5.40 -4.25 -25.86
C THR A 377 -5.86 -4.28 -24.40
N GLY A 378 -5.16 -4.90 -23.47
CA GLY A 378 -5.56 -4.83 -22.06
C GLY A 378 -5.51 -3.40 -21.56
N VAL A 379 -4.47 -2.62 -21.84
CA VAL A 379 -4.30 -1.23 -21.32
C VAL A 379 -5.37 -0.39 -21.97
N LYS A 380 -6.15 -0.96 -22.86
CA LYS A 380 -7.15 -0.16 -23.58
C LYS A 380 -8.53 -0.69 -23.29
N PHE A 381 -8.66 -1.73 -22.48
CA PHE A 381 -10.00 -2.13 -22.02
C PHE A 381 -10.13 -1.44 -20.67
N ARG A 382 -9.08 -1.42 -19.90
CA ARG A 382 -9.11 -0.71 -18.61
C ARG A 382 -9.37 0.76 -18.86
N THR A 383 -8.84 1.42 -19.87
CA THR A 383 -8.95 2.88 -20.08
C THR A 383 -10.21 3.18 -20.84
N GLY A 384 -11.03 2.19 -21.03
CA GLY A 384 -12.29 2.39 -21.75
C GLY A 384 -13.45 2.02 -20.90
N ILE A 385 -13.27 1.20 -19.86
CA ILE A 385 -14.33 0.81 -18.90
C ILE A 385 -13.99 1.55 -17.63
N MET A 386 -13.06 2.51 -17.68
CA MET A 386 -12.70 3.33 -16.51
C MET A 386 -13.11 4.74 -16.89
N GLY A 387 -13.63 4.92 -18.07
CA GLY A 387 -14.07 6.23 -18.53
C GLY A 387 -15.53 6.20 -18.93
N VAL A 388 -16.14 5.04 -19.13
CA VAL A 388 -17.60 4.99 -19.33
C VAL A 388 -18.19 4.91 -17.93
N ILE A 389 -17.46 4.45 -16.90
CA ILE A 389 -17.90 4.52 -15.47
C ILE A 389 -17.81 5.95 -14.95
N TYR A 390 -16.79 6.73 -15.23
CA TYR A 390 -16.62 8.09 -14.65
C TYR A 390 -17.48 9.07 -15.38
N ARG A 391 -18.32 8.59 -16.24
CA ARG A 391 -19.14 9.52 -17.05
C ARG A 391 -20.54 9.13 -16.73
N LYS A 392 -20.70 8.06 -15.95
CA LYS A 392 -22.04 7.66 -15.48
C LYS A 392 -22.18 8.17 -14.05
N ALA A 393 -21.11 8.24 -13.28
CA ALA A 393 -21.16 8.67 -11.88
C ALA A 393 -21.60 10.10 -11.83
N LEU A 394 -21.37 10.86 -12.89
CA LEU A 394 -21.74 12.29 -12.93
C LEU A 394 -23.19 12.48 -13.41
N VAL A 395 -23.90 11.44 -13.82
CA VAL A 395 -25.34 11.61 -14.16
C VAL A 395 -26.23 10.66 -13.35
N ILE A 396 -25.68 9.81 -12.48
CA ILE A 396 -26.48 8.81 -11.72
C ILE A 396 -27.35 9.53 -10.69
N THR A 397 -28.57 9.07 -10.45
CA THR A 397 -29.55 9.75 -9.56
C THR A 397 -29.15 9.65 -8.10
N ASN A 398 -29.76 10.44 -7.22
CA ASN A 398 -29.29 10.47 -5.82
C ASN A 398 -29.45 9.13 -5.11
N SER A 399 -30.55 8.42 -5.38
CA SER A 399 -30.81 7.16 -4.64
C SER A 399 -29.69 6.16 -4.85
N VAL A 400 -29.22 6.00 -6.09
CA VAL A 400 -28.20 4.95 -6.37
C VAL A 400 -26.92 5.30 -5.61
N LYS A 401 -26.62 6.58 -5.49
CA LYS A 401 -25.43 6.96 -4.70
C LYS A 401 -25.65 6.56 -3.24
N ARG A 402 -26.89 6.67 -2.75
CA ARG A 402 -27.16 6.41 -1.31
C ARG A 402 -27.18 4.90 -1.06
N ALA A 403 -27.70 4.13 -2.02
CA ALA A 403 -27.81 2.66 -1.86
C ALA A 403 -26.44 1.99 -1.73
N SER A 404 -25.44 2.44 -2.49
CA SER A 404 -24.12 1.78 -2.45
C SER A 404 -23.07 2.74 -1.89
N THR A 405 -22.21 2.26 -0.99
CA THR A 405 -21.21 3.12 -0.35
C THR A 405 -20.23 3.62 -1.42
N VAL A 406 -19.69 4.83 -1.25
CA VAL A 406 -18.81 5.43 -2.28
C VAL A 406 -17.64 4.48 -2.45
N GLY A 407 -17.27 3.80 -1.39
CA GLY A 407 -16.18 2.83 -1.48
C GLY A 407 -16.49 1.71 -2.45
N GLU A 408 -17.73 1.25 -2.50
CA GLU A 408 -18.10 0.22 -3.50
C GLU A 408 -18.10 0.80 -4.91
N ILE A 409 -18.56 2.03 -5.12
CA ILE A 409 -18.62 2.65 -6.47
C ILE A 409 -17.22 2.93 -7.02
N VAL A 410 -16.21 3.27 -6.23
CA VAL A 410 -14.83 3.46 -6.76
C VAL A 410 -14.17 2.11 -6.83
N ASN A 411 -14.88 1.03 -6.51
CA ASN A 411 -14.29 -0.33 -6.64
C ASN A 411 -14.87 -0.98 -7.87
N LEU A 412 -15.48 -0.21 -8.76
CA LEU A 412 -15.95 -0.76 -10.05
C LEU A 412 -14.91 -0.23 -11.01
N MET A 413 -13.83 0.36 -10.51
CA MET A 413 -12.72 0.81 -11.38
C MET A 413 -11.45 0.17 -10.85
N SER A 414 -11.34 0.04 -9.54
CA SER A 414 -10.13 -0.53 -8.91
C SER A 414 -9.98 -2.02 -9.10
N VAL A 415 -11.06 -2.75 -8.96
CA VAL A 415 -11.02 -4.22 -9.07
C VAL A 415 -11.65 -4.57 -10.39
N ASP A 416 -12.90 -4.23 -10.61
CA ASP A 416 -13.60 -4.71 -11.83
C ASP A 416 -13.00 -4.31 -13.16
N ALA A 417 -12.63 -3.08 -13.41
CA ALA A 417 -11.97 -2.78 -14.68
C ALA A 417 -10.60 -3.46 -14.73
N GLN A 418 -9.85 -3.51 -13.65
CA GLN A 418 -8.51 -4.11 -13.75
C GLN A 418 -8.60 -5.60 -14.06
N ARG A 419 -9.63 -6.32 -13.66
CA ARG A 419 -9.70 -7.75 -14.05
C ARG A 419 -9.78 -7.88 -15.57
N PHE A 420 -10.44 -6.97 -16.28
CA PHE A 420 -10.55 -6.99 -17.75
C PHE A 420 -9.18 -6.82 -18.38
N MET A 421 -8.25 -6.05 -17.83
CA MET A 421 -6.86 -5.97 -18.35
C MET A 421 -6.11 -7.28 -18.18
N ASP A 422 -6.38 -8.06 -17.15
CA ASP A 422 -5.62 -9.31 -16.89
C ASP A 422 -6.25 -10.52 -17.60
N LEU A 423 -7.52 -10.49 -17.97
CA LEU A 423 -8.15 -11.56 -18.77
C LEU A 423 -7.64 -11.44 -20.18
N ALA A 424 -7.14 -10.30 -20.61
CA ALA A 424 -6.80 -10.18 -22.03
C ALA A 424 -5.77 -11.19 -22.48
N PRO A 425 -4.64 -11.48 -21.81
CA PRO A 425 -3.74 -12.50 -22.33
C PRO A 425 -4.30 -13.91 -22.44
N PHE A 426 -5.29 -14.27 -21.61
CA PHE A 426 -5.84 -15.65 -21.53
C PHE A 426 -7.23 -15.73 -22.14
N LEU A 427 -7.46 -15.07 -23.27
CA LEU A 427 -8.78 -15.20 -23.94
C LEU A 427 -8.57 -16.07 -25.18
N ASN A 428 -7.42 -15.95 -25.83
CA ASN A 428 -7.09 -16.78 -27.02
C ASN A 428 -6.43 -18.06 -26.54
N LEU A 429 -6.80 -18.55 -25.36
CA LEU A 429 -6.27 -19.85 -24.88
C LEU A 429 -7.46 -20.79 -24.77
N LEU A 430 -8.66 -20.28 -25.03
CA LEU A 430 -9.86 -21.15 -25.05
C LEU A 430 -9.85 -21.91 -26.37
N TRP A 431 -8.97 -21.54 -27.29
CA TRP A 431 -8.96 -22.19 -28.63
C TRP A 431 -7.55 -22.71 -28.96
N SER A 432 -6.52 -22.14 -28.34
CA SER A 432 -5.15 -22.65 -28.54
C SER A 432 -4.93 -23.85 -27.62
N ALA A 433 -4.99 -23.64 -26.31
CA ALA A 433 -4.78 -24.74 -25.35
C ALA A 433 -5.52 -26.00 -25.81
N PRO A 434 -6.84 -25.97 -26.12
CA PRO A 434 -7.50 -27.17 -26.61
C PRO A 434 -7.06 -27.60 -28.02
N LEU A 435 -5.98 -27.02 -28.55
CA LEU A 435 -5.45 -27.48 -29.87
C LEU A 435 -4.02 -27.96 -29.69
N GLN A 436 -3.16 -27.16 -29.06
CA GLN A 436 -1.81 -27.67 -28.80
C GLN A 436 -1.85 -28.99 -28.03
N ILE A 437 -2.88 -29.30 -27.26
CA ILE A 437 -3.01 -30.56 -26.46
C ILE A 437 -3.72 -31.65 -27.28
N ILE A 438 -4.23 -31.38 -28.48
CA ILE A 438 -4.95 -32.37 -29.32
C ILE A 438 -4.09 -32.68 -30.52
N LEU A 439 -3.07 -31.88 -30.77
CA LEU A 439 -2.12 -32.27 -31.84
C LEU A 439 -0.92 -32.95 -31.18
N ALA A 440 -0.46 -32.50 -30.01
CA ALA A 440 0.72 -33.10 -29.37
C ALA A 440 0.40 -34.53 -29.03
N ILE A 441 -0.79 -34.84 -28.52
CA ILE A 441 -1.18 -36.25 -28.27
C ILE A 441 -1.24 -37.01 -29.59
N TYR A 442 -1.66 -36.44 -30.69
CA TYR A 442 -1.60 -37.20 -31.96
C TYR A 442 -0.15 -37.45 -32.34
N PHE A 443 0.74 -36.47 -32.31
CA PHE A 443 2.12 -36.69 -32.84
C PHE A 443 2.89 -37.53 -31.84
N LEU A 444 2.34 -37.87 -30.68
CA LEU A 444 3.01 -38.83 -29.75
C LEU A 444 2.31 -40.16 -29.96
N TRP A 445 1.14 -40.21 -30.58
CA TRP A 445 0.51 -41.51 -30.87
C TRP A 445 1.34 -42.20 -31.91
N GLN A 446 1.84 -41.44 -32.85
CA GLN A 446 2.63 -42.05 -33.95
C GLN A 446 3.93 -42.62 -33.41
N ASN A 447 4.62 -41.89 -32.53
CA ASN A 447 5.94 -42.31 -31.98
C ASN A 447 5.88 -43.46 -30.97
N LEU A 448 5.04 -43.44 -29.94
CA LEU A 448 5.08 -44.45 -28.85
C LEU A 448 3.79 -45.26 -28.71
N GLY A 449 2.76 -45.04 -29.48
CA GLY A 449 1.59 -45.93 -29.36
C GLY A 449 0.59 -45.49 -28.32
N PRO A 450 -0.35 -46.35 -27.88
CA PRO A 450 -1.34 -45.97 -26.92
C PRO A 450 -0.74 -45.59 -25.58
N SER A 451 0.51 -45.93 -25.32
CA SER A 451 1.17 -45.68 -24.01
C SER A 451 1.32 -44.21 -23.68
N VAL A 452 1.32 -43.31 -24.65
CA VAL A 452 1.58 -41.89 -24.32
C VAL A 452 0.42 -41.39 -23.53
N LEU A 453 -0.69 -42.11 -23.55
CA LEU A 453 -1.91 -41.72 -22.80
C LEU A 453 -1.60 -41.80 -21.31
N ALA A 454 -0.85 -42.80 -20.88
CA ALA A 454 -0.47 -42.86 -19.45
C ALA A 454 0.35 -41.65 -19.12
N GLY A 455 1.21 -41.22 -20.00
CA GLY A 455 2.06 -40.09 -19.61
C GLY A 455 1.24 -38.87 -19.38
N VAL A 456 0.28 -38.59 -20.25
CA VAL A 456 -0.60 -37.40 -20.10
C VAL A 456 -1.42 -37.50 -18.82
N ALA A 457 -1.84 -38.68 -18.41
CA ALA A 457 -2.56 -38.79 -17.12
C ALA A 457 -1.69 -38.26 -15.98
N PHE A 458 -0.38 -38.46 -15.96
CA PHE A 458 0.43 -38.03 -14.80
C PHE A 458 0.76 -36.56 -14.98
N MET A 459 0.19 -35.90 -15.99
CA MET A 459 0.37 -34.44 -16.14
C MET A 459 -0.99 -33.78 -15.94
N VAL A 460 -2.08 -34.56 -15.91
CA VAL A 460 -3.46 -34.00 -15.78
C VAL A 460 -3.93 -34.32 -14.37
N LEU A 461 -3.09 -34.99 -13.60
CA LEU A 461 -3.40 -35.33 -12.20
C LEU A 461 -2.35 -34.60 -11.36
N LEU A 462 -1.71 -33.58 -11.90
CA LEU A 462 -0.83 -32.74 -11.05
C LEU A 462 -1.50 -31.38 -10.95
N ILE A 463 -2.40 -31.06 -11.87
CA ILE A 463 -3.20 -29.82 -11.80
C ILE A 463 -4.11 -29.86 -10.56
N PRO A 464 -4.92 -30.92 -10.28
CA PRO A 464 -5.59 -31.07 -9.01
C PRO A 464 -4.59 -30.91 -7.87
N LEU A 465 -3.52 -31.73 -7.77
CA LEU A 465 -2.60 -31.70 -6.60
C LEU A 465 -1.99 -30.33 -6.36
N ASN A 466 -1.50 -29.65 -7.37
CA ASN A 466 -0.84 -28.35 -7.07
C ASN A 466 -1.87 -27.38 -6.49
N GLY A 467 -3.10 -27.44 -6.95
CA GLY A 467 -4.16 -26.61 -6.36
C GLY A 467 -4.42 -26.94 -4.91
N ALA A 468 -4.43 -28.21 -4.54
CA ALA A 468 -4.62 -28.60 -3.12
C ALA A 468 -3.51 -28.05 -2.23
N VAL A 469 -2.28 -28.02 -2.69
CA VAL A 469 -1.19 -27.39 -1.89
C VAL A 469 -1.57 -25.92 -1.72
N ALA A 470 -2.05 -25.26 -2.77
CA ALA A 470 -2.35 -23.82 -2.66
C ALA A 470 -3.46 -23.57 -1.64
N VAL A 471 -4.51 -24.38 -1.65
CA VAL A 471 -5.56 -24.06 -0.64
C VAL A 471 -4.90 -24.21 0.72
N LYS A 472 -4.06 -25.20 0.91
CA LYS A 472 -3.52 -25.37 2.28
C LYS A 472 -2.57 -24.21 2.59
N MET A 473 -2.00 -23.57 1.58
CA MET A 473 -1.15 -22.39 1.87
C MET A 473 -2.00 -21.21 2.35
N ARG A 474 -3.15 -20.95 1.73
CA ARG A 474 -3.90 -19.74 2.14
C ARG A 474 -4.27 -19.93 3.60
N ALA A 475 -4.62 -21.14 3.98
CA ALA A 475 -5.04 -21.40 5.37
C ALA A 475 -3.88 -21.01 6.26
N PHE A 476 -2.66 -21.36 5.88
CA PHE A 476 -1.53 -20.89 6.72
C PHE A 476 -1.39 -19.37 6.66
N GLN A 477 -1.52 -18.76 5.49
CA GLN A 477 -1.24 -17.30 5.44
C GLN A 477 -2.23 -16.53 6.32
N VAL A 478 -3.50 -16.89 6.28
CA VAL A 478 -4.54 -16.19 7.09
C VAL A 478 -4.19 -16.42 8.56
N LYS A 479 -3.75 -17.62 8.92
CA LYS A 479 -3.50 -17.80 10.37
C LYS A 479 -2.38 -16.84 10.78
N GLN A 480 -1.35 -16.69 9.95
CA GLN A 480 -0.21 -15.81 10.28
C GLN A 480 -0.68 -14.36 10.36
N MET A 481 -1.48 -13.90 9.41
CA MET A 481 -1.85 -12.47 9.38
C MET A 481 -2.54 -12.09 10.69
N LYS A 482 -2.95 -13.07 11.47
CA LYS A 482 -3.53 -12.71 12.77
C LYS A 482 -2.38 -12.41 13.70
N LEU A 483 -1.39 -13.29 13.77
CA LEU A 483 -0.27 -13.12 14.75
C LEU A 483 0.65 -11.95 14.39
N LYS A 484 0.93 -11.70 13.12
CA LYS A 484 1.75 -10.52 12.78
C LYS A 484 1.04 -9.25 13.20
N ASP A 485 -0.25 -9.15 12.96
CA ASP A 485 -0.91 -7.86 13.27
C ASP A 485 -0.88 -7.64 14.77
N SER A 486 -0.90 -8.69 15.57
CA SER A 486 -0.74 -8.49 17.03
C SER A 486 0.65 -7.92 17.34
N ARG A 487 1.71 -8.43 16.72
CA ARG A 487 3.08 -7.94 17.05
C ARG A 487 3.18 -6.51 16.58
N ILE A 488 2.68 -6.18 15.42
CA ILE A 488 2.88 -4.78 14.99
C ILE A 488 2.19 -3.89 16.02
N LYS A 489 1.02 -4.27 16.51
CA LYS A 489 0.30 -3.39 17.45
C LYS A 489 1.07 -3.24 18.76
N LEU A 490 1.57 -4.31 19.36
CA LEU A 490 2.33 -4.12 20.61
C LEU A 490 3.57 -3.29 20.29
N MET A 491 4.21 -3.46 19.14
CA MET A 491 5.35 -2.59 18.78
C MET A 491 4.85 -1.16 18.66
N SER A 492 3.71 -0.92 18.05
CA SER A 492 3.33 0.50 17.85
C SER A 492 3.22 1.14 19.21
N GLU A 493 2.63 0.46 20.16
CA GLU A 493 2.45 1.04 21.49
C GLU A 493 3.78 1.19 22.20
N ILE A 494 4.71 0.25 22.02
CA ILE A 494 6.05 0.48 22.63
C ILE A 494 6.69 1.68 21.94
N LEU A 495 6.55 1.82 20.62
CA LEU A 495 7.25 2.92 19.91
C LEU A 495 6.65 4.25 20.34
N ASN A 496 5.34 4.34 20.55
CA ASN A 496 4.69 5.64 20.83
C ASN A 496 4.69 5.93 22.33
N GLY A 497 5.43 5.15 23.10
CA GLY A 497 5.54 5.46 24.54
C GLY A 497 6.94 5.24 25.02
N ILE A 498 7.94 5.27 24.14
CA ILE A 498 9.31 4.91 24.58
C ILE A 498 9.81 5.93 25.61
N LYS A 499 9.08 7.00 25.86
CA LYS A 499 9.50 7.92 26.94
C LYS A 499 9.29 7.25 28.29
N VAL A 500 8.04 6.97 28.68
CA VAL A 500 7.76 6.38 30.03
C VAL A 500 8.28 4.96 30.09
N LEU A 501 8.25 4.23 28.98
CA LEU A 501 8.85 2.88 29.08
C LEU A 501 10.31 3.03 29.52
N LYS A 502 11.07 3.99 28.99
CA LYS A 502 12.47 4.09 29.46
C LYS A 502 12.56 4.65 30.87
N LEU A 503 11.82 5.70 31.20
CA LEU A 503 12.02 6.36 32.51
C LEU A 503 11.67 5.36 33.59
N TYR A 504 10.50 4.72 33.51
CA TYR A 504 10.22 3.61 34.45
C TYR A 504 11.09 2.50 33.87
N ALA A 505 11.63 1.57 34.66
CA ALA A 505 12.49 0.56 34.01
C ALA A 505 11.65 -0.59 33.48
N TRP A 506 10.73 -0.34 32.55
CA TRP A 506 9.82 -1.41 32.11
C TRP A 506 10.31 -2.00 30.80
N GLU A 507 11.37 -1.48 30.22
CA GLU A 507 11.78 -1.97 28.88
C GLU A 507 12.16 -3.45 28.92
N PRO A 508 12.80 -4.04 29.94
CA PRO A 508 13.08 -5.47 29.92
C PRO A 508 11.81 -6.32 29.87
N SER A 509 10.68 -5.79 30.29
CA SER A 509 9.44 -6.61 30.34
C SER A 509 8.71 -6.52 29.02
N PHE A 510 8.58 -5.35 28.48
CA PHE A 510 7.78 -5.26 27.24
C PHE A 510 8.51 -5.98 26.11
N LEU A 511 9.76 -6.37 26.29
CA LEU A 511 10.43 -7.18 25.24
C LEU A 511 9.83 -8.59 25.27
N LYS A 512 9.71 -9.22 26.44
CA LYS A 512 9.23 -10.62 26.52
C LYS A 512 7.83 -10.73 25.95
N GLN A 513 7.03 -9.69 26.06
CA GLN A 513 5.71 -9.76 25.40
C GLN A 513 5.92 -9.87 23.89
N VAL A 514 6.90 -9.18 23.29
CA VAL A 514 7.02 -9.27 21.80
C VAL A 514 7.67 -10.60 21.46
N GLU A 515 8.66 -11.02 22.21
CA GLU A 515 9.24 -12.32 21.81
C GLU A 515 8.15 -13.39 21.89
N GLY A 516 7.30 -13.38 22.90
CA GLY A 516 6.35 -14.50 22.95
C GLY A 516 5.54 -14.59 21.67
N ILE A 517 5.07 -13.47 21.14
CA ILE A 517 4.34 -13.47 19.85
C ILE A 517 5.26 -13.84 18.69
N ARG A 518 6.53 -13.45 18.68
CA ARG A 518 7.37 -13.89 17.54
C ARG A 518 7.56 -15.40 17.60
N GLN A 519 7.74 -16.03 18.75
CA GLN A 519 8.00 -17.48 18.70
C GLN A 519 6.81 -18.18 18.06
N GLY A 520 5.60 -17.76 18.35
CA GLY A 520 4.43 -18.34 17.70
C GLY A 520 4.45 -18.17 16.21
N GLU A 521 4.81 -16.99 15.73
CA GLU A 521 4.90 -16.77 14.26
C GLU A 521 6.00 -17.65 13.67
N LEU A 522 7.12 -17.81 14.33
CA LEU A 522 8.17 -18.63 13.70
C LEU A 522 7.71 -20.11 13.58
N GLN A 523 7.06 -20.70 14.58
CA GLN A 523 6.68 -22.13 14.49
C GLN A 523 5.71 -22.33 13.33
N LEU A 524 4.77 -21.40 13.16
CA LEU A 524 3.79 -21.52 12.06
C LEU A 524 4.53 -21.46 10.73
N LEU A 525 5.63 -20.74 10.61
CA LEU A 525 6.38 -20.78 9.32
C LEU A 525 7.08 -22.12 9.12
N ARG A 526 7.39 -22.86 10.19
CA ARG A 526 7.99 -24.21 10.01
C ARG A 526 6.98 -25.15 9.36
N THR A 527 5.71 -25.03 9.72
CA THR A 527 4.69 -25.97 9.18
C THR A 527 4.24 -25.44 7.84
N ALA A 528 5.06 -24.65 7.18
CA ALA A 528 4.73 -24.25 5.81
C ALA A 528 5.95 -24.43 4.91
N ALA A 529 7.03 -25.03 5.40
CA ALA A 529 8.18 -25.38 4.51
C ALA A 529 7.73 -26.55 3.66
N TYR A 530 6.95 -27.45 4.24
CA TYR A 530 6.47 -28.66 3.53
C TYR A 530 5.56 -28.27 2.38
N LEU A 531 4.96 -27.11 2.39
CA LEU A 531 4.10 -26.83 1.24
C LEU A 531 4.91 -26.10 0.18
N HIS A 532 6.18 -25.79 0.44
CA HIS A 532 7.04 -25.17 -0.61
C HIS A 532 8.03 -26.19 -1.17
N THR A 533 8.39 -27.21 -0.41
CA THR A 533 9.22 -28.29 -0.98
C THR A 533 8.42 -28.95 -2.09
N THR A 534 7.12 -29.10 -1.93
CA THR A 534 6.26 -29.74 -2.94
C THR A 534 6.26 -28.97 -4.24
N THR A 535 6.24 -27.66 -4.25
CA THR A 535 6.35 -26.96 -5.56
C THR A 535 7.72 -27.14 -6.22
N THR A 536 8.84 -27.20 -5.51
CA THR A 536 10.15 -27.51 -6.15
C THR A 536 10.16 -28.94 -6.69
N PHE A 537 9.55 -29.92 -6.04
CA PHE A 537 9.45 -31.31 -6.58
C PHE A 537 8.64 -31.35 -7.86
N THR A 538 7.55 -30.65 -7.95
CA THR A 538 6.85 -30.68 -9.23
C THR A 538 7.64 -30.02 -10.35
N TRP A 539 8.26 -28.87 -10.16
CA TRP A 539 8.93 -28.21 -11.32
C TRP A 539 10.18 -28.96 -11.74
N MET A 540 11.06 -29.31 -10.82
CA MET A 540 12.31 -30.02 -11.13
C MET A 540 12.13 -31.51 -11.47
N CYS A 541 11.30 -32.29 -10.78
CA CYS A 541 11.25 -33.74 -11.04
C CYS A 541 9.99 -34.24 -11.72
N SER A 542 9.08 -33.40 -12.13
CA SER A 542 7.92 -33.86 -12.94
C SER A 542 8.34 -34.23 -14.35
N PRO A 543 9.24 -33.54 -15.05
CA PRO A 543 9.57 -34.00 -16.36
C PRO A 543 10.03 -35.46 -16.35
N PHE A 544 10.86 -35.94 -15.45
CA PHE A 544 11.34 -37.34 -15.51
C PHE A 544 10.19 -38.32 -15.31
N LEU A 545 9.27 -38.03 -14.41
CA LEU A 545 8.20 -39.01 -14.11
C LEU A 545 7.31 -39.27 -15.31
N VAL A 546 6.99 -38.30 -16.14
CA VAL A 546 6.24 -38.62 -17.38
C VAL A 546 7.08 -39.52 -18.29
N THR A 547 8.39 -39.32 -18.49
CA THR A 547 9.29 -40.19 -19.29
C THR A 547 9.45 -41.58 -18.68
N LEU A 548 9.35 -41.78 -17.38
CA LEU A 548 9.38 -43.17 -16.83
C LEU A 548 8.03 -43.85 -17.01
N ILE A 549 6.92 -43.27 -16.58
CA ILE A 549 5.66 -44.03 -16.70
C ILE A 549 5.51 -44.35 -18.18
N THR A 550 5.76 -43.41 -19.10
CA THR A 550 5.51 -43.71 -20.53
C THR A 550 6.45 -44.78 -21.04
N LEU A 551 7.74 -44.77 -20.71
CA LEU A 551 8.69 -45.75 -21.30
C LEU A 551 8.70 -46.98 -20.42
N TRP A 552 7.85 -47.06 -19.39
CA TRP A 552 7.71 -48.32 -18.63
C TRP A 552 6.51 -49.03 -19.20
N VAL A 553 5.42 -48.32 -19.41
CA VAL A 553 4.21 -49.02 -19.89
C VAL A 553 4.52 -49.55 -21.28
N TYR A 554 5.21 -48.79 -22.10
CA TYR A 554 5.42 -49.23 -23.49
C TYR A 554 6.17 -50.54 -23.49
N VAL A 555 7.18 -50.73 -22.64
CA VAL A 555 8.02 -51.97 -22.71
C VAL A 555 7.18 -53.18 -22.30
N TYR A 556 6.23 -53.01 -21.37
CA TYR A 556 5.34 -54.11 -20.94
C TYR A 556 4.21 -54.34 -21.94
N VAL A 557 3.31 -53.36 -22.09
CA VAL A 557 2.13 -53.47 -23.02
C VAL A 557 2.33 -54.57 -24.07
N ASP A 558 3.48 -54.65 -24.74
CA ASP A 558 3.68 -55.77 -25.70
C ASP A 558 5.16 -56.10 -25.69
N PRO A 559 5.59 -57.35 -25.69
CA PRO A 559 7.01 -57.66 -25.58
C PRO A 559 7.89 -57.19 -26.74
N ASN A 560 7.39 -57.22 -27.96
CA ASN A 560 8.22 -56.89 -29.15
C ASN A 560 8.62 -55.41 -29.24
N ASN A 561 7.93 -54.46 -28.60
CA ASN A 561 8.24 -53.03 -28.81
C ASN A 561 9.70 -52.76 -28.44
N VAL A 562 10.45 -52.04 -29.29
CA VAL A 562 11.89 -51.72 -29.01
C VAL A 562 12.13 -50.21 -29.13
N LEU A 563 12.74 -49.59 -28.11
CA LEU A 563 12.92 -48.12 -28.12
C LEU A 563 14.06 -47.81 -29.08
N ASP A 564 13.98 -46.74 -29.87
CA ASP A 564 15.03 -46.31 -30.80
C ASP A 564 15.18 -44.84 -30.49
N ALA A 565 16.15 -44.15 -31.04
CA ALA A 565 16.34 -42.76 -30.64
C ALA A 565 15.19 -41.88 -31.05
N GLU A 566 14.62 -42.08 -32.22
CA GLU A 566 13.53 -41.20 -32.73
C GLU A 566 12.32 -41.31 -31.82
N LYS A 567 11.93 -42.52 -31.43
CA LYS A 567 10.71 -42.72 -30.62
C LYS A 567 11.06 -42.67 -29.13
N ALA A 568 11.92 -41.75 -28.72
CA ALA A 568 12.24 -41.60 -27.29
C ALA A 568 12.82 -40.21 -27.03
N PHE A 569 13.28 -39.52 -28.06
CA PHE A 569 13.77 -38.14 -27.91
C PHE A 569 12.89 -37.20 -28.74
N VAL A 570 11.96 -37.75 -29.52
CA VAL A 570 10.97 -36.90 -30.25
C VAL A 570 9.69 -36.97 -29.41
N SER A 571 9.58 -37.99 -28.56
CA SER A 571 8.40 -38.12 -27.66
C SER A 571 8.77 -37.47 -26.33
N VAL A 572 9.82 -36.66 -26.32
CA VAL A 572 10.23 -35.93 -25.08
C VAL A 572 10.16 -34.44 -25.43
N SER A 573 10.47 -34.08 -26.68
CA SER A 573 10.36 -32.67 -27.12
C SER A 573 8.90 -32.35 -27.42
N LEU A 574 8.03 -33.36 -27.45
CA LEU A 574 6.58 -33.17 -27.71
C LEU A 574 5.84 -33.24 -26.37
N PHE A 575 6.56 -33.60 -25.31
CA PHE A 575 5.95 -33.62 -23.96
C PHE A 575 6.21 -32.25 -23.32
N ASN A 576 7.18 -31.50 -23.86
CA ASN A 576 7.37 -30.14 -23.34
C ASN A 576 6.37 -29.15 -23.95
N ILE A 577 6.00 -29.31 -25.20
CA ILE A 577 5.02 -28.44 -25.89
C ILE A 577 3.66 -28.61 -25.22
N LEU A 578 3.26 -29.81 -24.80
CA LEU A 578 1.99 -30.10 -24.07
C LEU A 578 2.00 -29.47 -22.68
N ARG A 579 3.13 -29.38 -21.99
CA ARG A 579 3.20 -28.90 -20.59
C ARG A 579 2.86 -27.44 -20.38
N LEU A 580 3.38 -26.49 -21.16
CA LEU A 580 2.99 -25.08 -20.91
C LEU A 580 1.48 -24.88 -21.12
N PRO A 581 0.83 -25.34 -22.19
CA PRO A 581 -0.59 -25.24 -22.28
C PRO A 581 -1.43 -25.98 -21.24
N LEU A 582 -1.07 -27.18 -20.79
CA LEU A 582 -1.94 -27.95 -19.86
C LEU A 582 -1.82 -27.33 -18.49
N ASN A 583 -0.70 -26.70 -18.17
CA ASN A 583 -0.50 -26.04 -16.86
C ASN A 583 -1.25 -24.71 -16.71
N MET A 584 -1.55 -24.02 -17.81
CA MET A 584 -2.33 -22.75 -17.76
C MET A 584 -3.83 -22.97 -18.01
N LEU A 585 -4.31 -24.19 -18.12
CA LEU A 585 -5.75 -24.44 -18.21
C LEU A 585 -6.44 -24.14 -16.89
N PRO A 586 -5.91 -24.41 -15.68
CA PRO A 586 -6.58 -24.01 -14.45
C PRO A 586 -6.74 -22.48 -14.28
N GLN A 587 -5.69 -21.69 -14.58
CA GLN A 587 -5.76 -20.21 -14.48
C GLN A 587 -6.79 -19.67 -15.46
N LEU A 588 -6.86 -20.17 -16.67
CA LEU A 588 -7.85 -19.58 -17.58
C LEU A 588 -9.21 -19.76 -16.94
N ILE A 589 -9.53 -20.89 -16.32
CA ILE A 589 -10.93 -21.02 -15.80
C ILE A 589 -11.17 -20.04 -14.65
N SER A 590 -10.19 -19.83 -13.77
CA SER A 590 -10.32 -18.81 -12.70
C SER A 590 -10.58 -17.44 -13.31
N ASN A 591 -9.67 -16.93 -14.12
CA ASN A 591 -9.83 -15.56 -14.65
C ASN A 591 -11.13 -15.43 -15.45
N LEU A 592 -11.56 -16.40 -16.25
CA LEU A 592 -12.79 -16.21 -17.04
C LEU A 592 -14.02 -16.40 -16.17
N THR A 593 -13.87 -16.83 -14.91
CA THR A 593 -15.02 -16.95 -13.99
C THR A 593 -15.08 -15.79 -13.01
N GLN A 594 -13.95 -15.26 -12.57
CA GLN A 594 -13.98 -14.04 -11.75
C GLN A 594 -14.53 -12.93 -12.62
N ALA A 595 -14.18 -12.90 -13.90
CA ALA A 595 -14.60 -11.82 -14.81
C ALA A 595 -16.04 -11.92 -15.28
N SER A 596 -16.75 -13.01 -15.05
CA SER A 596 -18.21 -13.01 -15.31
C SER A 596 -18.89 -12.20 -14.22
N VAL A 597 -18.37 -12.27 -13.00
CA VAL A 597 -18.91 -11.45 -11.88
C VAL A 597 -18.71 -10.00 -12.26
N SER A 598 -17.54 -9.63 -12.75
CA SER A 598 -17.30 -8.21 -13.02
C SER A 598 -18.20 -7.72 -14.13
N LEU A 599 -18.38 -8.42 -15.23
CA LEU A 599 -19.19 -7.84 -16.32
C LEU A 599 -20.60 -7.71 -15.79
N LYS A 600 -20.97 -8.46 -14.78
CA LYS A 600 -22.31 -8.26 -14.18
C LYS A 600 -22.36 -6.98 -13.35
N ARG A 601 -21.31 -6.68 -12.60
CA ARG A 601 -21.33 -5.39 -11.87
C ARG A 601 -21.19 -4.23 -12.86
N ILE A 602 -20.19 -4.23 -13.73
CA ILE A 602 -19.95 -3.10 -14.67
C ILE A 602 -21.14 -2.94 -15.57
N GLN A 603 -22.10 -3.86 -15.57
CA GLN A 603 -23.28 -3.58 -16.41
C GLN A 603 -24.44 -3.16 -15.53
N GLN A 604 -24.35 -3.34 -14.22
CA GLN A 604 -25.44 -2.80 -13.39
C GLN A 604 -25.24 -1.29 -13.32
N PHE A 605 -24.05 -0.84 -12.95
CA PHE A 605 -23.86 0.62 -12.80
C PHE A 605 -24.21 1.25 -14.12
N LEU A 606 -23.76 0.72 -15.25
CA LEU A 606 -24.00 1.40 -16.55
C LEU A 606 -25.49 1.48 -16.84
N SER A 607 -26.33 0.61 -16.29
CA SER A 607 -27.76 0.69 -16.66
C SER A 607 -28.70 1.13 -15.54
N GLN A 608 -28.22 1.64 -14.39
CA GLN A 608 -29.11 2.19 -13.32
C GLN A 608 -29.72 3.50 -13.81
N GLU A 609 -30.79 4.00 -13.21
CA GLU A 609 -31.51 5.18 -13.77
C GLU A 609 -30.71 6.48 -13.69
N GLU A 610 -31.07 7.49 -14.47
CA GLU A 610 -30.25 8.73 -14.56
C GLU A 610 -31.03 9.98 -14.18
N LEU A 611 -30.33 11.05 -13.81
CA LEU A 611 -31.00 12.30 -13.38
C LEU A 611 -31.73 12.88 -14.57
N ASP A 612 -32.89 13.48 -14.35
CA ASP A 612 -33.69 13.94 -15.50
C ASP A 612 -33.11 15.26 -15.98
N PRO A 613 -32.59 15.33 -17.21
CA PRO A 613 -31.96 16.54 -17.67
C PRO A 613 -32.93 17.73 -17.68
N GLN A 614 -34.19 17.52 -18.05
CA GLN A 614 -35.10 18.68 -18.22
C GLN A 614 -36.22 18.74 -17.17
N SER A 615 -36.00 18.27 -15.95
CA SER A 615 -37.04 18.47 -14.90
C SER A 615 -37.17 19.96 -14.64
N VAL A 616 -36.06 20.73 -14.60
CA VAL A 616 -36.11 22.20 -14.37
C VAL A 616 -36.01 22.93 -15.70
N GLU A 617 -36.53 24.15 -15.77
CA GLU A 617 -36.55 24.89 -17.06
C GLU A 617 -35.60 26.06 -16.97
N ARG A 618 -34.63 26.14 -17.88
CA ARG A 618 -33.61 27.21 -17.76
C ARG A 618 -33.66 28.19 -18.94
N LYS A 619 -34.37 27.86 -20.00
CA LYS A 619 -34.37 28.73 -21.21
C LYS A 619 -35.05 30.07 -20.98
N THR A 620 -36.19 30.11 -20.30
CA THR A 620 -36.97 31.37 -20.17
C THR A 620 -37.64 31.42 -18.80
N ILE A 621 -38.15 32.58 -18.39
CA ILE A 621 -38.73 32.69 -17.02
C ILE A 621 -40.02 33.52 -17.06
N SER A 622 -40.90 33.36 -16.07
CA SER A 622 -42.13 34.20 -15.99
C SER A 622 -41.71 35.65 -15.72
N PRO A 623 -42.48 36.69 -16.10
CA PRO A 623 -42.04 38.09 -15.98
C PRO A 623 -41.71 38.61 -14.57
N GLY A 624 -40.63 39.38 -14.43
CA GLY A 624 -40.29 40.02 -13.14
C GLY A 624 -40.18 39.03 -12.00
N TYR A 625 -39.54 37.88 -12.21
CA TYR A 625 -39.33 36.86 -11.16
C TYR A 625 -38.19 35.97 -11.65
N ALA A 626 -37.72 35.02 -10.84
CA ALA A 626 -36.56 34.21 -11.27
C ALA A 626 -36.83 32.75 -10.94
N ILE A 627 -37.40 32.48 -9.77
CA ILE A 627 -37.75 31.09 -9.41
C ILE A 627 -39.27 31.00 -9.19
N THR A 628 -39.95 30.22 -10.02
CA THR A 628 -41.41 30.01 -9.82
C THR A 628 -41.72 28.51 -9.81
N ILE A 629 -42.29 28.02 -8.71
CA ILE A 629 -42.67 26.59 -8.62
C ILE A 629 -44.17 26.63 -8.39
N HIS A 630 -44.94 25.92 -9.23
CA HIS A 630 -46.39 25.85 -8.96
C HIS A 630 -46.83 24.38 -8.84
N SER A 631 -47.46 24.02 -7.72
CA SER A 631 -48.03 22.65 -7.53
C SER A 631 -46.99 21.54 -7.64
N GLY A 632 -45.76 21.78 -7.19
CA GLY A 632 -44.70 20.77 -7.36
C GLY A 632 -44.54 19.89 -6.14
N THR A 633 -44.48 18.57 -6.34
CA THR A 633 -44.23 17.66 -5.21
C THR A 633 -42.95 16.89 -5.51
N PHE A 634 -42.00 16.88 -4.59
CA PHE A 634 -40.71 16.20 -4.89
C PHE A 634 -40.47 15.09 -3.87
N THR A 635 -40.10 13.90 -4.33
CA THR A 635 -39.82 12.76 -3.42
C THR A 635 -38.40 12.22 -3.69
N TRP A 636 -37.62 11.92 -2.66
CA TRP A 636 -36.25 11.47 -3.00
C TRP A 636 -36.34 10.21 -3.82
N ALA A 637 -37.22 9.29 -3.45
CA ALA A 637 -37.34 7.99 -4.14
C ALA A 637 -38.81 7.67 -4.39
N GLN A 638 -39.11 6.87 -5.41
CA GLN A 638 -40.53 6.62 -5.73
C GLN A 638 -41.17 5.98 -4.51
N ASP A 639 -40.47 5.05 -3.86
CA ASP A 639 -40.99 4.34 -2.64
C ASP A 639 -41.10 5.25 -1.40
N LEU A 640 -40.17 6.17 -1.20
CA LEU A 640 -40.12 6.96 0.08
C LEU A 640 -41.29 7.95 0.21
N PRO A 641 -41.61 8.40 1.43
CA PRO A 641 -42.65 9.41 1.64
C PRO A 641 -42.33 10.75 0.97
N PRO A 642 -43.29 11.41 0.28
CA PRO A 642 -42.98 12.65 -0.40
C PRO A 642 -42.56 13.73 0.59
N THR A 643 -41.35 14.27 0.43
CA THR A 643 -40.85 15.32 1.36
C THR A 643 -41.60 16.64 1.19
N LEU A 644 -41.92 17.06 -0.03
CA LEU A 644 -42.52 18.40 -0.18
C LEU A 644 -43.83 18.29 -0.96
N HIS A 645 -44.85 19.06 -0.56
CA HIS A 645 -46.18 18.93 -1.20
C HIS A 645 -46.70 20.25 -1.78
N SER A 646 -46.99 20.30 -3.07
CA SER A 646 -47.64 21.49 -3.69
C SER A 646 -46.89 22.78 -3.34
N LEU A 647 -45.56 22.76 -3.38
CA LEU A 647 -44.82 23.98 -2.94
C LEU A 647 -45.12 25.11 -3.92
N ASP A 648 -45.34 26.32 -3.40
CA ASP A 648 -45.55 27.49 -4.28
C ASP A 648 -44.57 28.58 -3.86
N ILE A 649 -43.78 29.12 -4.79
CA ILE A 649 -42.85 30.23 -4.44
C ILE A 649 -42.68 31.11 -5.69
N GLN A 650 -42.42 32.41 -5.51
CA GLN A 650 -42.13 33.32 -6.66
C GLN A 650 -41.14 34.36 -6.18
N VAL A 651 -39.87 33.99 -5.95
CA VAL A 651 -38.93 35.01 -5.37
C VAL A 651 -38.72 36.10 -6.43
N PRO A 652 -38.91 37.39 -6.09
CA PRO A 652 -38.75 38.46 -7.07
C PRO A 652 -37.24 38.62 -7.32
N LYS A 653 -36.86 39.22 -8.44
CA LYS A 653 -35.42 39.32 -8.76
C LYS A 653 -34.74 40.10 -7.64
N GLY A 654 -33.56 39.66 -7.23
CA GLY A 654 -32.78 40.38 -6.20
C GLY A 654 -33.50 40.53 -4.89
N ALA A 655 -34.21 39.50 -4.43
CA ALA A 655 -34.83 39.62 -3.09
C ALA A 655 -34.30 38.54 -2.15
N LEU A 656 -33.85 38.92 -0.95
CA LEU A 656 -33.29 37.86 -0.10
C LEU A 656 -34.50 37.13 0.39
N VAL A 657 -34.66 35.86 0.05
CA VAL A 657 -35.80 35.11 0.63
C VAL A 657 -35.21 34.14 1.63
N ALA A 658 -35.70 34.16 2.86
CA ALA A 658 -35.19 33.18 3.82
C ALA A 658 -36.26 32.11 4.01
N VAL A 659 -35.94 30.87 3.61
CA VAL A 659 -36.89 29.75 3.78
C VAL A 659 -36.60 29.17 5.15
N VAL A 660 -37.36 29.58 6.14
CA VAL A 660 -37.19 29.04 7.52
C VAL A 660 -38.42 28.19 7.82
N GLY A 661 -38.21 27.06 8.47
CA GLY A 661 -39.31 26.15 8.78
C GLY A 661 -39.07 25.54 10.13
N PRO A 662 -40.03 24.78 10.70
CA PRO A 662 -39.86 24.26 12.05
C PRO A 662 -38.96 23.02 12.04
N VAL A 663 -38.87 22.37 13.19
CA VAL A 663 -38.10 21.10 13.27
C VAL A 663 -38.90 20.08 12.46
N GLY A 664 -38.37 18.89 12.23
CA GLY A 664 -39.04 17.97 11.28
C GLY A 664 -38.19 18.16 10.06
N CYS A 665 -37.18 19.01 10.22
CA CYS A 665 -36.19 19.25 9.14
C CYS A 665 -36.87 19.65 7.85
N GLY A 666 -36.50 19.01 6.76
CA GLY A 666 -37.05 19.48 5.49
C GLY A 666 -36.37 20.79 5.21
N LYS A 667 -36.96 21.66 4.39
CA LYS A 667 -36.28 22.92 4.01
C LYS A 667 -35.15 22.48 3.10
N SER A 668 -34.28 21.58 3.57
CA SER A 668 -33.21 21.00 2.73
C SER A 668 -33.81 20.72 1.36
N SER A 669 -34.89 19.98 1.34
CA SER A 669 -35.42 19.57 0.03
C SER A 669 -35.78 20.79 -0.81
N LEU A 670 -35.73 22.02 -0.26
CA LEU A 670 -36.00 23.14 -1.21
C LEU A 670 -34.77 23.34 -2.07
N VAL A 671 -33.59 23.40 -1.46
CA VAL A 671 -32.40 23.71 -2.30
C VAL A 671 -32.16 22.57 -3.29
N SER A 672 -32.17 21.34 -2.81
CA SER A 672 -31.84 20.22 -3.73
C SER A 672 -32.93 20.05 -4.77
N ALA A 673 -34.15 20.46 -4.49
CA ALA A 673 -35.16 20.37 -5.55
C ALA A 673 -34.81 21.33 -6.68
N LEU A 674 -34.33 22.53 -6.37
CA LEU A 674 -34.09 23.57 -7.42
C LEU A 674 -32.86 23.24 -8.25
N LEU A 675 -31.86 22.60 -7.64
CA LEU A 675 -30.64 22.23 -8.37
C LEU A 675 -30.97 21.07 -9.30
N GLY A 676 -32.20 20.53 -9.26
CA GLY A 676 -32.61 19.40 -10.11
C GLY A 676 -32.19 18.02 -9.64
N GLU A 677 -32.02 17.79 -8.33
CA GLU A 677 -31.51 16.49 -7.82
C GLU A 677 -32.59 15.62 -7.16
N MET A 678 -33.87 15.89 -7.38
CA MET A 678 -34.97 15.07 -6.83
C MET A 678 -36.00 14.85 -7.92
N GLU A 679 -36.91 13.91 -7.73
CA GLU A 679 -37.88 13.53 -8.79
C GLU A 679 -39.16 14.35 -8.68
N LYS A 680 -39.53 15.05 -9.75
CA LYS A 680 -40.72 15.92 -9.71
C LYS A 680 -41.93 15.05 -9.99
N LEU A 681 -42.43 14.32 -8.99
CA LEU A 681 -43.55 13.38 -9.25
C LEU A 681 -44.69 14.22 -9.80
N GLU A 682 -44.86 15.44 -9.29
CA GLU A 682 -45.85 16.35 -9.93
C GLU A 682 -45.36 17.79 -9.85
N GLY A 683 -45.78 18.66 -10.78
CA GLY A 683 -45.46 20.10 -10.66
C GLY A 683 -44.59 20.66 -11.76
N LYS A 684 -44.24 21.95 -11.67
CA LYS A 684 -43.29 22.55 -12.63
C LYS A 684 -42.32 23.49 -11.89
N VAL A 685 -41.06 23.56 -12.31
CA VAL A 685 -40.10 24.51 -11.69
C VAL A 685 -39.47 25.32 -12.82
N HIS A 686 -39.47 26.66 -12.71
CA HIS A 686 -38.81 27.52 -13.73
C HIS A 686 -37.68 28.30 -13.05
N MET A 687 -36.47 28.35 -13.64
CA MET A 687 -35.39 29.16 -13.04
C MET A 687 -34.60 29.88 -14.13
N LYS A 688 -34.12 31.11 -13.88
CA LYS A 688 -33.29 31.85 -14.86
C LYS A 688 -31.95 32.33 -14.30
N GLY A 689 -30.85 31.99 -14.97
CA GLY A 689 -29.54 32.54 -14.55
C GLY A 689 -28.55 31.50 -14.07
N SER A 690 -27.30 31.92 -13.90
CA SER A 690 -26.25 31.02 -13.35
C SER A 690 -26.53 30.76 -11.87
N VAL A 691 -26.26 29.54 -11.38
CA VAL A 691 -26.55 29.21 -9.96
C VAL A 691 -25.27 28.84 -9.25
N ALA A 692 -25.13 29.25 -8.00
CA ALA A 692 -23.96 28.89 -7.19
C ALA A 692 -24.51 28.22 -5.96
N TYR A 693 -23.95 27.10 -5.55
CA TYR A 693 -24.58 26.35 -4.43
C TYR A 693 -23.57 26.21 -3.32
N VAL A 694 -23.92 26.66 -2.12
CA VAL A 694 -23.01 26.36 -1.00
C VAL A 694 -23.63 25.17 -0.29
N PRO A 695 -23.02 23.97 -0.27
CA PRO A 695 -23.70 22.81 0.29
C PRO A 695 -23.86 22.79 1.81
N GLN A 696 -24.70 21.90 2.36
CA GLN A 696 -24.85 21.76 3.83
C GLN A 696 -23.54 21.27 4.43
N GLN A 697 -22.92 20.27 3.82
CA GLN A 697 -21.60 19.78 4.26
C GLN A 697 -20.66 20.20 3.14
N ALA A 698 -19.62 20.94 3.43
CA ALA A 698 -18.81 21.50 2.32
C ALA A 698 -17.98 20.45 1.61
N TRP A 699 -17.61 20.76 0.37
CA TRP A 699 -16.74 19.85 -0.39
C TRP A 699 -15.46 20.62 -0.64
N ILE A 700 -14.33 20.05 -0.30
CA ILE A 700 -13.05 20.74 -0.63
C ILE A 700 -12.34 19.87 -1.65
N GLN A 701 -11.91 20.45 -2.77
CA GLN A 701 -11.34 19.65 -3.87
C GLN A 701 -9.97 19.23 -3.40
N ASN A 702 -9.30 18.38 -4.14
CA ASN A 702 -7.98 17.87 -3.67
C ASN A 702 -6.87 18.83 -4.12
N CYS A 703 -7.21 19.97 -4.72
CA CYS A 703 -6.21 20.92 -5.24
C CYS A 703 -5.88 22.01 -4.23
N THR A 704 -5.24 23.09 -4.69
CA THR A 704 -4.81 24.24 -3.82
C THR A 704 -5.98 25.11 -3.38
N LEU A 705 -5.85 25.83 -2.27
CA LEU A 705 -6.98 26.63 -1.77
C LEU A 705 -7.30 27.66 -2.84
N GLN A 706 -6.29 28.17 -3.51
CA GLN A 706 -6.56 29.23 -4.51
C GLN A 706 -7.47 28.66 -5.58
N GLU A 707 -7.34 27.37 -5.89
CA GLU A 707 -8.24 26.75 -6.90
C GLU A 707 -9.66 26.64 -6.34
N ASN A 708 -9.81 26.01 -5.18
CA ASN A 708 -11.15 25.99 -4.57
C ASN A 708 -11.77 27.37 -4.65
N VAL A 709 -11.06 28.43 -4.31
CA VAL A 709 -11.76 29.73 -4.34
C VAL A 709 -12.17 30.06 -5.77
N LEU A 710 -11.30 29.86 -6.75
CA LEU A 710 -11.80 30.21 -8.09
C LEU A 710 -12.00 28.90 -8.83
N PHE A 711 -13.22 28.39 -8.86
CA PHE A 711 -13.48 27.10 -9.49
C PHE A 711 -13.60 27.44 -10.96
N GLY A 712 -12.65 27.00 -11.77
CA GLY A 712 -12.72 27.23 -13.22
C GLY A 712 -12.92 28.69 -13.52
N LYS A 713 -12.19 29.57 -12.83
CA LYS A 713 -12.28 31.02 -13.12
C LYS A 713 -10.88 31.65 -13.29
N ALA A 714 -10.80 32.70 -14.10
CA ALA A 714 -9.53 33.41 -14.33
C ALA A 714 -9.23 34.31 -13.14
N LEU A 715 -7.95 34.54 -12.83
CA LEU A 715 -7.59 35.27 -11.60
C LEU A 715 -7.70 36.79 -11.79
N ASN A 716 -8.81 37.41 -11.40
CA ASN A 716 -8.83 38.90 -11.36
C ASN A 716 -8.35 39.19 -9.95
N PRO A 717 -7.13 39.76 -9.74
CA PRO A 717 -6.58 39.89 -8.40
C PRO A 717 -7.53 40.67 -7.49
N LYS A 718 -8.24 41.66 -8.04
CA LYS A 718 -9.09 42.50 -7.16
C LYS A 718 -10.09 41.56 -6.50
N ARG A 719 -10.68 40.68 -7.29
CA ARG A 719 -11.74 39.83 -6.71
C ARG A 719 -11.08 38.93 -5.68
N TYR A 720 -9.93 38.38 -6.00
CA TYR A 720 -9.35 37.39 -5.08
C TYR A 720 -9.12 38.09 -3.75
N GLN A 721 -8.73 39.36 -3.79
CA GLN A 721 -8.58 40.09 -2.50
C GLN A 721 -9.97 40.35 -1.93
N GLN A 722 -10.90 40.85 -2.74
CA GLN A 722 -12.22 41.23 -2.19
C GLN A 722 -12.91 40.00 -1.59
N THR A 723 -12.91 38.87 -2.29
CA THR A 723 -13.67 37.70 -1.83
C THR A 723 -13.11 37.06 -0.57
N LEU A 724 -11.82 36.73 -0.53
CA LEU A 724 -11.32 35.99 0.66
C LEU A 724 -11.48 36.91 1.88
N GLU A 725 -11.04 38.15 1.73
CA GLU A 725 -11.07 39.11 2.86
C GLU A 725 -12.53 39.38 3.23
N ALA A 726 -13.42 39.49 2.25
CA ALA A 726 -14.79 39.82 2.64
C ALA A 726 -15.34 38.66 3.46
N CYS A 727 -14.83 37.45 3.23
CA CYS A 727 -15.25 36.28 4.06
C CYS A 727 -14.23 36.11 5.18
N ALA A 728 -13.28 37.04 5.29
CA ALA A 728 -12.27 37.01 6.36
C ALA A 728 -11.44 35.73 6.32
N LEU A 729 -11.12 35.26 5.12
CA LEU A 729 -10.21 34.11 5.00
C LEU A 729 -8.78 34.65 5.04
N LEU A 730 -8.60 35.97 5.10
CA LEU A 730 -7.25 36.58 5.04
C LEU A 730 -6.37 36.16 6.22
N ALA A 731 -6.90 36.19 7.43
CA ALA A 731 -6.09 35.72 8.58
C ALA A 731 -5.79 34.25 8.36
N ASP A 732 -6.77 33.53 7.85
CA ASP A 732 -6.62 32.07 7.66
C ASP A 732 -5.49 31.79 6.67
N LEU A 733 -5.39 32.59 5.60
CA LEU A 733 -4.34 32.35 4.58
C LEU A 733 -2.96 32.54 5.22
N GLU A 734 -2.81 33.56 6.06
CA GLU A 734 -1.53 33.71 6.79
C GLU A 734 -1.35 32.50 7.71
N MET A 735 -2.44 32.04 8.34
CA MET A 735 -2.39 30.85 9.24
C MET A 735 -2.03 29.62 8.41
N LEU A 736 -2.37 29.63 7.12
CA LEU A 736 -1.95 28.50 6.26
C LEU A 736 -0.44 28.48 6.18
N PRO A 737 0.26 27.35 6.46
CA PRO A 737 1.72 27.37 6.45
C PRO A 737 2.24 27.68 5.04
N GLY A 738 1.62 27.08 4.02
CA GLY A 738 2.06 27.26 2.62
C GLY A 738 1.39 28.46 2.00
N GLY A 739 0.57 29.15 2.78
CA GLY A 739 -0.18 30.28 2.22
C GLY A 739 -1.40 29.78 1.47
N ASP A 740 -1.98 30.64 0.63
CA ASP A 740 -3.20 30.27 -0.12
C ASP A 740 -2.85 29.13 -1.08
N GLN A 741 -1.58 28.95 -1.38
CA GLN A 741 -1.17 27.95 -2.39
C GLN A 741 -1.17 26.56 -1.77
N THR A 742 -1.52 26.42 -0.49
CA THR A 742 -1.40 25.10 0.17
C THR A 742 -2.33 24.09 -0.47
N GLU A 743 -2.01 22.79 -0.36
CA GLU A 743 -2.94 21.76 -0.87
C GLU A 743 -3.96 21.41 0.21
N ILE A 744 -5.26 21.42 -0.12
CA ILE A 744 -6.29 21.00 0.86
C ILE A 744 -6.99 19.78 0.27
N GLY A 745 -7.59 18.93 1.08
CA GLY A 745 -8.17 17.69 0.55
C GLY A 745 -7.79 16.52 1.44
N GLU A 746 -7.93 15.29 0.96
CA GLU A 746 -7.44 14.17 1.81
C GLU A 746 -5.93 14.33 1.96
N LYS A 747 -5.23 14.62 0.86
CA LYS A 747 -3.76 14.82 0.90
C LYS A 747 -3.46 16.30 1.10
N GLY A 748 -3.81 16.85 2.26
CA GLY A 748 -3.62 18.28 2.50
C GLY A 748 -3.71 18.60 3.98
N ILE A 749 -3.42 19.84 4.36
CA ILE A 749 -3.61 20.20 5.80
C ILE A 749 -5.09 20.03 6.08
N ASN A 750 -5.49 19.52 7.24
CA ASN A 750 -6.95 19.40 7.46
C ASN A 750 -7.49 20.73 7.99
N LEU A 751 -8.32 21.41 7.21
CA LEU A 751 -8.88 22.71 7.64
C LEU A 751 -9.93 22.48 8.72
N SER A 752 -10.26 23.51 9.48
CA SER A 752 -11.31 23.41 10.53
C SER A 752 -12.69 23.33 9.88
N GLY A 753 -13.69 22.82 10.58
CA GLY A 753 -15.00 22.66 9.94
C GLY A 753 -15.52 24.01 9.48
N GLY A 754 -15.33 25.03 10.31
CA GLY A 754 -15.73 26.39 9.93
C GLY A 754 -14.90 26.88 8.77
N GLN A 755 -13.63 26.49 8.76
CA GLN A 755 -12.78 26.88 7.62
C GLN A 755 -13.38 26.24 6.37
N ARG A 756 -13.88 25.01 6.48
CA ARG A 756 -14.37 24.35 5.27
C ARG A 756 -15.52 25.17 4.70
N GLN A 757 -16.44 25.63 5.55
CA GLN A 757 -17.61 26.36 5.03
C GLN A 757 -17.13 27.66 4.40
N ARG A 758 -16.09 28.28 4.93
CA ARG A 758 -15.73 29.61 4.37
C ARG A 758 -15.18 29.41 2.96
N VAL A 759 -14.39 28.35 2.74
CA VAL A 759 -13.79 28.20 1.38
C VAL A 759 -14.96 28.03 0.42
N SER A 760 -15.96 27.26 0.82
CA SER A 760 -17.09 27.01 -0.09
C SER A 760 -17.80 28.33 -0.39
N LEU A 761 -18.03 29.16 0.62
CA LEU A 761 -18.79 30.39 0.31
C LEU A 761 -17.93 31.19 -0.66
N ALA A 762 -16.62 31.13 -0.47
CA ALA A 762 -15.75 31.95 -1.32
C ALA A 762 -15.92 31.51 -2.77
N ARG A 763 -16.01 30.21 -3.02
CA ARG A 763 -16.05 29.76 -4.43
C ARG A 763 -17.25 30.45 -5.04
N ALA A 764 -18.33 30.47 -4.31
CA ALA A 764 -19.57 31.05 -4.86
C ALA A 764 -19.45 32.54 -5.07
N VAL A 765 -18.89 33.27 -4.10
CA VAL A 765 -18.90 34.75 -4.26
C VAL A 765 -18.10 35.17 -5.49
N TYR A 766 -17.01 34.48 -5.76
CA TYR A 766 -16.18 34.78 -6.95
C TYR A 766 -16.99 34.56 -8.22
N SER A 767 -17.83 33.52 -8.27
CA SER A 767 -18.55 33.17 -9.51
C SER A 767 -19.44 34.31 -9.95
N ASP A 768 -19.86 35.17 -9.03
CA ASP A 768 -20.63 36.36 -9.45
C ASP A 768 -21.85 35.90 -10.23
N ALA A 769 -22.52 34.87 -9.73
CA ALA A 769 -23.66 34.31 -10.50
C ALA A 769 -24.97 35.09 -10.27
N ASP A 770 -25.94 34.88 -11.16
CA ASP A 770 -27.26 35.56 -11.04
C ASP A 770 -28.10 35.11 -9.82
N ILE A 771 -28.15 33.83 -9.46
CA ILE A 771 -29.03 33.36 -8.34
C ILE A 771 -28.17 32.59 -7.35
N PHE A 772 -28.34 32.85 -6.06
CA PHE A 772 -27.43 32.20 -5.09
C PHE A 772 -28.24 31.34 -4.15
N LEU A 773 -28.12 30.02 -4.31
CA LEU A 773 -28.92 29.11 -3.49
C LEU A 773 -28.01 28.73 -2.34
N LEU A 774 -28.24 29.32 -1.19
CA LEU A 774 -27.33 29.08 -0.05
C LEU A 774 -28.02 28.09 0.87
N ASP A 775 -27.35 27.01 1.27
CA ASP A 775 -27.99 26.07 2.23
C ASP A 775 -27.28 26.08 3.58
N ASP A 776 -27.88 26.70 4.59
CA ASP A 776 -27.31 26.65 5.96
C ASP A 776 -25.80 26.92 5.92
N PRO A 777 -25.30 27.98 5.26
CA PRO A 777 -23.88 28.22 5.30
C PRO A 777 -23.54 28.49 6.76
N LEU A 778 -24.43 29.14 7.49
CA LEU A 778 -24.13 29.57 8.88
C LEU A 778 -24.26 28.40 9.87
N SER A 779 -23.33 27.46 9.85
CA SER A 779 -23.45 26.27 10.73
C SER A 779 -22.28 26.23 11.70
N ALA A 780 -21.09 25.96 11.18
CA ALA A 780 -19.90 25.82 12.06
C ALA A 780 -19.23 27.17 12.26
N VAL A 781 -19.77 28.22 11.63
CA VAL A 781 -19.10 29.55 11.71
C VAL A 781 -19.24 30.13 13.12
N ASP A 782 -18.26 30.93 13.55
CA ASP A 782 -18.36 31.61 14.88
C ASP A 782 -19.50 32.61 14.81
N SER A 783 -20.31 32.69 15.87
CA SER A 783 -21.50 33.56 15.81
C SER A 783 -21.09 35.02 15.60
N HIS A 784 -20.08 35.48 16.34
CA HIS A 784 -19.64 36.89 16.21
C HIS A 784 -19.09 37.11 14.79
N VAL A 785 -18.29 36.16 14.30
CA VAL A 785 -17.69 36.29 12.94
C VAL A 785 -18.82 36.22 11.91
N ALA A 786 -19.83 35.40 12.18
CA ALA A 786 -20.88 35.21 11.17
C ALA A 786 -21.55 36.55 10.85
N LYS A 787 -21.79 37.40 11.84
CA LYS A 787 -22.52 38.65 11.53
C LYS A 787 -21.68 39.40 10.51
N HIS A 788 -20.37 39.30 10.65
CA HIS A 788 -19.47 40.02 9.72
C HIS A 788 -19.63 39.46 8.31
N ILE A 789 -19.72 38.13 8.20
CA ILE A 789 -19.96 37.53 6.86
C ILE A 789 -21.33 38.00 6.40
N PHE A 790 -22.32 38.03 7.30
CA PHE A 790 -23.66 38.37 6.79
C PHE A 790 -23.61 39.81 6.25
N ASP A 791 -23.02 40.72 7.01
CA ASP A 791 -23.05 42.13 6.54
C ASP A 791 -22.18 42.28 5.30
N HIS A 792 -21.00 41.65 5.31
CA HIS A 792 -20.02 41.77 4.18
C HIS A 792 -20.38 41.03 2.90
N VAL A 793 -20.96 39.84 2.96
CA VAL A 793 -21.17 39.09 1.70
C VAL A 793 -22.65 38.76 1.45
N ILE A 794 -23.32 38.07 2.39
CA ILE A 794 -24.72 37.61 2.15
C ILE A 794 -25.72 38.76 2.11
N GLY A 795 -25.63 39.71 3.02
CA GLY A 795 -26.71 40.70 3.16
C GLY A 795 -26.73 41.89 2.23
N PRO A 796 -27.56 42.92 2.53
CA PRO A 796 -27.69 44.09 1.68
C PRO A 796 -26.43 44.93 1.53
N GLU A 797 -25.69 45.14 2.63
CA GLU A 797 -24.47 45.99 2.59
C GLU A 797 -23.30 45.16 2.05
N GLY A 798 -23.48 43.85 1.89
CA GLY A 798 -22.39 42.95 1.45
C GLY A 798 -22.10 42.95 -0.03
N VAL A 799 -21.06 42.21 -0.44
CA VAL A 799 -20.66 42.24 -1.87
C VAL A 799 -21.81 41.72 -2.74
N LEU A 800 -22.51 40.66 -2.31
CA LEU A 800 -23.62 40.07 -3.10
C LEU A 800 -24.89 40.83 -2.73
N ALA A 801 -25.18 41.92 -3.44
CA ALA A 801 -26.34 42.76 -3.07
C ALA A 801 -27.40 42.83 -4.18
N GLY A 802 -27.02 42.53 -5.42
CA GLY A 802 -27.98 42.56 -6.55
C GLY A 802 -28.35 41.15 -6.97
N LYS A 803 -27.84 40.16 -6.25
CA LYS A 803 -28.13 38.75 -6.56
C LYS A 803 -29.47 38.36 -5.92
N THR A 804 -30.11 37.25 -6.35
CA THR A 804 -31.34 36.74 -5.70
C THR A 804 -30.90 35.60 -4.80
N ARG A 805 -31.07 35.74 -3.50
CA ARG A 805 -30.52 34.73 -2.58
C ARG A 805 -31.65 33.98 -1.86
N VAL A 806 -31.61 32.65 -1.80
CA VAL A 806 -32.58 31.87 -1.02
C VAL A 806 -31.73 31.26 0.09
N LEU A 807 -31.97 31.64 1.34
CA LEU A 807 -31.15 31.14 2.46
C LEU A 807 -32.00 30.21 3.30
N VAL A 808 -31.67 28.91 3.37
CA VAL A 808 -32.40 27.97 4.26
C VAL A 808 -31.62 27.99 5.59
N THR A 809 -32.24 28.53 6.64
CA THR A 809 -31.56 28.66 7.94
C THR A 809 -32.50 28.11 9.00
N HIS A 810 -31.96 27.77 10.17
CA HIS A 810 -32.82 27.31 11.28
C HIS A 810 -32.54 28.20 12.49
N GLY A 811 -32.89 29.48 12.37
CA GLY A 811 -32.69 30.45 13.47
C GLY A 811 -33.49 31.71 13.20
N ILE A 812 -33.70 32.54 14.21
CA ILE A 812 -34.54 33.75 14.05
C ILE A 812 -33.65 35.00 14.05
N SER A 813 -32.34 34.82 14.24
CA SER A 813 -31.45 36.00 14.39
C SER A 813 -31.40 36.87 13.13
N PHE A 814 -31.29 36.26 11.96
CA PHE A 814 -31.07 37.08 10.74
C PHE A 814 -32.39 37.38 10.06
N LEU A 815 -33.48 36.94 10.64
CA LEU A 815 -34.75 37.10 9.91
C LEU A 815 -35.08 38.57 9.57
N PRO A 816 -34.85 39.58 10.43
CA PRO A 816 -35.29 40.94 10.10
C PRO A 816 -34.67 41.38 8.78
N GLN A 817 -33.41 41.01 8.58
CA GLN A 817 -32.68 41.50 7.38
C GLN A 817 -33.35 41.00 6.12
N THR A 818 -33.88 39.79 6.16
CA THR A 818 -34.40 39.18 4.91
C THR A 818 -35.49 40.04 4.29
N ASP A 819 -35.48 40.16 2.95
CA ASP A 819 -36.52 40.95 2.25
C ASP A 819 -37.90 40.31 2.45
N PHE A 820 -38.01 39.00 2.28
CA PHE A 820 -39.30 38.29 2.43
C PHE A 820 -39.02 36.89 2.97
N ILE A 821 -39.93 36.34 3.78
CA ILE A 821 -39.64 35.02 4.43
C ILE A 821 -40.61 33.96 3.95
N ILE A 822 -40.10 32.87 3.40
CA ILE A 822 -40.98 31.74 2.99
C ILE A 822 -40.90 30.73 4.12
N VAL A 823 -41.95 30.68 4.95
CA VAL A 823 -41.99 29.69 6.05
C VAL A 823 -42.97 28.62 5.58
N LEU A 824 -42.67 27.36 5.86
CA LEU A 824 -43.55 26.30 5.34
C LEU A 824 -43.81 25.27 6.44
N ALA A 825 -44.98 24.62 6.42
CA ALA A 825 -45.32 23.59 7.42
C ALA A 825 -45.42 22.24 6.70
N ASP A 826 -44.83 21.19 7.26
CA ASP A 826 -44.79 19.89 6.54
C ASP A 826 -44.09 20.15 5.22
N GLY A 827 -44.76 19.82 4.12
CA GLY A 827 -44.21 20.16 2.80
C GLY A 827 -45.02 21.26 2.18
N GLN A 828 -45.84 21.96 2.96
CA GLN A 828 -46.75 22.99 2.39
C GLN A 828 -46.41 24.37 2.94
N VAL A 829 -46.34 25.39 2.07
CA VAL A 829 -45.92 26.74 2.53
C VAL A 829 -46.95 27.24 3.55
N SER A 830 -46.47 27.80 4.66
CA SER A 830 -47.39 28.36 5.69
C SER A 830 -47.40 29.88 5.57
N GLU A 831 -46.22 30.50 5.54
CA GLU A 831 -46.14 31.99 5.52
C GLU A 831 -45.29 32.45 4.33
N MET A 832 -45.75 33.48 3.62
CA MET A 832 -44.96 34.08 2.51
C MET A 832 -45.01 35.59 2.73
N GLY A 833 -44.37 36.09 3.79
CA GLY A 833 -44.47 37.53 4.10
C GLY A 833 -43.19 38.10 4.68
N PRO A 834 -43.03 39.44 4.75
CA PRO A 834 -41.84 40.07 5.33
C PRO A 834 -41.73 39.90 6.85
N TYR A 835 -40.55 40.18 7.43
CA TYR A 835 -40.36 39.97 8.89
C TYR A 835 -41.35 40.80 9.70
N PRO A 836 -41.72 42.06 9.34
CA PRO A 836 -42.74 42.76 10.10
C PRO A 836 -44.05 41.96 10.05
N ALA A 837 -44.38 41.45 8.86
CA ALA A 837 -45.64 40.70 8.71
C ALA A 837 -45.58 39.47 9.61
N LEU A 838 -44.41 38.85 9.73
CA LEU A 838 -44.30 37.60 10.52
C LEU A 838 -44.71 37.90 11.98
N LEU A 839 -44.28 39.06 12.49
CA LEU A 839 -44.60 39.43 13.89
C LEU A 839 -46.12 39.59 13.99
N GLN A 840 -46.73 40.43 13.15
CA GLN A 840 -48.20 40.72 13.24
C GLN A 840 -49.00 39.45 13.01
N ARG A 841 -48.50 38.56 12.14
CA ARG A 841 -49.26 37.33 11.83
C ARG A 841 -49.46 36.59 13.15
N ASN A 842 -48.40 36.48 13.95
CA ASN A 842 -48.56 35.89 15.30
C ASN A 842 -49.25 34.52 15.18
N GLY A 843 -48.90 33.74 14.17
CA GLY A 843 -49.49 32.39 14.02
C GLY A 843 -48.53 31.31 14.44
N SER A 844 -47.99 30.54 13.48
CA SER A 844 -46.96 29.53 13.80
C SER A 844 -45.57 30.17 13.77
N PHE A 845 -45.44 31.40 13.24
CA PHE A 845 -44.12 32.06 13.31
C PHE A 845 -43.83 32.23 14.79
N ALA A 846 -44.85 32.62 15.54
CA ALA A 846 -44.67 32.79 16.99
C ALA A 846 -44.25 31.45 17.60
N ASN A 847 -44.83 30.34 17.14
CA ASN A 847 -44.44 28.99 17.63
C ASN A 847 -42.99 28.69 17.24
N PHE A 848 -42.60 29.02 16.00
CA PHE A 848 -41.20 28.82 15.57
C PHE A 848 -40.27 29.70 16.40
N LEU A 849 -40.68 30.95 16.64
CA LEU A 849 -39.84 31.88 17.43
C LEU A 849 -39.70 31.30 18.83
N CYS A 850 -40.81 30.83 19.42
CA CYS A 850 -40.78 30.27 20.79
C CYS A 850 -40.02 28.94 20.85
N ASN A 851 -40.17 28.09 19.84
CA ASN A 851 -39.47 26.77 19.79
C ASN A 851 -38.20 26.81 20.65
N GLU A 946 18.59 8.37 -2.25
CA GLU A 946 19.20 9.29 -3.23
C GLU A 946 19.00 8.75 -4.65
N GLU A 947 19.81 9.22 -5.60
CA GLU A 947 19.71 8.76 -7.01
C GLU A 947 19.99 7.26 -7.07
N LYS A 948 20.99 6.82 -6.33
CA LYS A 948 21.35 5.37 -6.35
C LYS A 948 20.16 4.59 -5.80
N ALA A 949 19.53 5.08 -4.74
CA ALA A 949 18.36 4.40 -4.14
C ALA A 949 17.22 4.31 -5.15
N ALA A 950 16.97 5.39 -5.89
CA ALA A 950 15.92 5.36 -6.94
C ALA A 950 16.28 4.33 -8.01
N ILE A 951 17.53 4.28 -8.47
CA ILE A 951 17.85 3.20 -9.44
C ILE A 951 17.64 1.91 -8.65
N GLY A 952 18.24 1.83 -7.45
CA GLY A 952 18.04 0.71 -6.51
C GLY A 952 18.99 -0.47 -6.65
N THR A 953 20.15 -0.26 -7.25
CA THR A 953 21.02 -1.43 -7.47
C THR A 953 21.32 -2.04 -6.11
N VAL A 954 21.43 -3.37 -6.01
CA VAL A 954 21.84 -3.95 -4.70
C VAL A 954 23.32 -4.32 -4.73
N GLU A 955 24.07 -3.88 -3.74
CA GLU A 955 25.52 -4.16 -3.67
C GLU A 955 25.72 -5.62 -3.30
N LEU A 956 26.86 -6.19 -3.62
CA LEU A 956 27.16 -7.61 -3.35
C LEU A 956 27.32 -7.83 -1.86
N SER A 957 27.48 -6.79 -1.05
CA SER A 957 27.51 -7.05 0.40
C SER A 957 26.15 -7.48 0.94
N VAL A 958 25.03 -6.97 0.44
CA VAL A 958 23.69 -7.30 0.99
C VAL A 958 23.40 -8.76 0.75
N PHE A 959 24.19 -9.46 -0.07
CA PHE A 959 24.00 -10.92 -0.24
C PHE A 959 24.94 -11.64 0.73
N TRP A 960 26.06 -11.04 1.12
CA TRP A 960 26.88 -11.73 2.15
C TRP A 960 26.25 -11.62 3.54
N ASP A 961 25.40 -10.64 3.79
CA ASP A 961 24.64 -10.53 5.07
C ASP A 961 23.53 -11.57 5.12
N TYR A 962 22.79 -11.83 4.06
CA TYR A 962 21.77 -12.90 4.17
C TYR A 962 22.49 -14.23 4.41
N ALA A 963 23.61 -14.47 3.74
CA ALA A 963 24.32 -15.76 3.89
C ALA A 963 24.82 -15.94 5.31
N LYS A 964 25.46 -14.93 5.89
CA LYS A 964 26.02 -15.14 7.23
C LYS A 964 24.85 -15.45 8.15
N ALA A 965 23.69 -14.82 7.93
CA ALA A 965 22.50 -15.04 8.77
C ALA A 965 21.94 -16.45 8.62
N VAL A 966 21.77 -16.94 7.39
CA VAL A 966 21.18 -18.29 7.15
C VAL A 966 22.14 -19.27 7.78
N GLY A 967 23.43 -19.00 7.65
CA GLY A 967 24.48 -19.87 8.20
C GLY A 967 25.47 -20.11 7.09
N LEU A 968 26.76 -19.96 7.31
CA LEU A 968 27.66 -20.27 6.18
C LEU A 968 27.59 -21.78 5.92
N CYS A 969 27.45 -22.58 6.96
CA CYS A 969 27.32 -24.03 6.76
C CYS A 969 26.04 -24.38 6.01
N THR A 970 24.87 -23.85 6.36
CA THR A 970 23.65 -24.27 5.63
C THR A 970 23.79 -23.82 4.18
N THR A 971 24.40 -22.69 3.90
CA THR A 971 24.61 -22.31 2.47
C THR A 971 25.50 -23.30 1.73
N LEU A 972 26.57 -23.85 2.29
CA LEU A 972 27.34 -24.85 1.51
C LEU A 972 26.43 -26.04 1.24
N ALA A 973 25.70 -26.51 2.23
CA ALA A 973 24.89 -27.70 1.99
C ALA A 973 23.85 -27.44 0.91
N ILE A 974 23.23 -26.27 0.83
CA ILE A 974 22.21 -26.10 -0.25
C ILE A 974 22.92 -26.26 -1.60
N CYS A 975 24.13 -25.77 -1.75
CA CYS A 975 24.79 -25.85 -3.09
C CYS A 975 25.26 -27.29 -3.34
N LEU A 976 26.00 -27.90 -2.42
CA LEU A 976 26.52 -29.29 -2.60
C LEU A 976 25.39 -30.32 -2.61
N LEU A 977 24.13 -29.90 -2.55
CA LEU A 977 23.01 -30.87 -2.68
C LEU A 977 22.33 -30.53 -4.00
N TYR A 978 22.60 -29.36 -4.55
CA TYR A 978 22.03 -28.97 -5.85
C TYR A 978 23.06 -29.31 -6.95
N VAL A 979 24.33 -29.46 -6.60
CA VAL A 979 25.35 -29.90 -7.59
C VAL A 979 25.38 -31.43 -7.55
N GLY A 980 24.61 -32.03 -6.65
CA GLY A 980 24.53 -33.49 -6.56
C GLY A 980 23.21 -33.96 -7.15
N GLN A 981 22.26 -33.04 -7.31
CA GLN A 981 21.00 -33.38 -8.00
C GLN A 981 21.31 -33.30 -9.49
N SER A 982 21.90 -32.19 -9.93
CA SER A 982 22.25 -32.02 -11.36
C SER A 982 22.96 -33.28 -11.86
N ALA A 983 24.05 -33.68 -11.21
CA ALA A 983 24.78 -34.90 -11.62
C ALA A 983 23.76 -36.03 -11.83
N ALA A 984 22.92 -36.32 -10.85
CA ALA A 984 21.99 -37.46 -10.99
C ALA A 984 21.17 -37.29 -12.28
N ALA A 985 20.59 -36.12 -12.51
CA ALA A 985 19.73 -35.92 -13.70
C ALA A 985 20.58 -35.97 -14.98
N ILE A 986 21.72 -35.29 -14.99
CA ILE A 986 22.57 -35.23 -16.22
C ILE A 986 23.14 -36.63 -16.49
N GLY A 987 22.95 -37.58 -15.57
CA GLY A 987 23.41 -38.97 -15.78
C GLY A 987 22.26 -39.88 -16.17
N ALA A 988 21.08 -39.67 -15.59
CA ALA A 988 19.89 -40.48 -15.90
C ALA A 988 19.55 -40.39 -17.39
N ASN A 989 19.88 -39.28 -18.06
CA ASN A 989 19.65 -39.18 -19.51
C ASN A 989 20.81 -39.89 -20.22
N VAL A 990 22.04 -39.75 -19.73
CA VAL A 990 23.18 -40.50 -20.34
C VAL A 990 22.89 -42.00 -20.21
N TRP A 991 21.89 -42.41 -19.42
CA TRP A 991 21.51 -43.84 -19.41
C TRP A 991 20.42 -44.03 -20.46
N LEU A 992 19.45 -43.12 -20.56
CA LEU A 992 18.46 -43.29 -21.67
C LEU A 992 19.24 -43.21 -22.97
N SER A 993 20.21 -42.31 -23.10
CA SER A 993 20.90 -42.15 -24.40
C SER A 993 21.95 -43.24 -24.59
N ALA A 994 21.86 -44.31 -23.82
CA ALA A 994 22.75 -45.47 -24.02
C ALA A 994 21.81 -46.67 -24.14
N TRP A 995 20.57 -46.51 -23.70
CA TRP A 995 19.56 -47.58 -23.84
C TRP A 995 18.90 -47.41 -25.22
N THR A 996 18.87 -46.19 -25.74
CA THR A 996 18.21 -45.92 -27.04
C THR A 996 19.19 -46.22 -28.17
N ASN A 997 20.37 -46.75 -27.86
CA ASN A 997 21.34 -47.16 -28.91
C ASN A 997 21.52 -48.67 -28.84
N ASP A 998 20.85 -49.32 -27.89
CA ASP A 998 21.04 -50.78 -27.69
C ASP A 998 20.58 -51.53 -28.93
N ALA A 999 19.50 -51.09 -29.58
CA ALA A 999 18.96 -51.86 -30.72
C ALA A 999 19.89 -51.75 -31.93
N MET A 1000 20.49 -50.58 -32.16
CA MET A 1000 21.31 -50.39 -33.37
C MET A 1000 22.58 -51.22 -33.31
N ALA A 1001 23.36 -51.08 -32.24
CA ALA A 1001 24.69 -51.75 -32.18
C ALA A 1001 24.53 -53.27 -32.13
N ASP A 1002 23.56 -53.76 -31.35
CA ASP A 1002 23.30 -55.21 -31.32
C ASP A 1002 21.86 -55.39 -31.75
N SER A 1003 21.58 -56.35 -32.63
CA SER A 1003 20.21 -56.51 -33.15
C SER A 1003 19.21 -56.79 -32.01
N ARG A 1004 19.56 -57.65 -31.04
CA ARG A 1004 18.61 -57.84 -29.90
C ARG A 1004 19.35 -58.00 -28.56
N GLN A 1005 18.81 -57.42 -27.47
CA GLN A 1005 19.38 -57.59 -26.12
C GLN A 1005 18.26 -58.02 -25.18
N ASN A 1006 18.57 -58.84 -24.17
CA ASN A 1006 17.53 -59.26 -23.19
C ASN A 1006 17.57 -58.33 -21.97
N ASN A 1007 18.46 -57.34 -21.99
CA ASN A 1007 18.59 -56.41 -20.85
C ASN A 1007 17.59 -55.27 -20.95
N THR A 1008 16.31 -55.51 -20.71
CA THR A 1008 15.39 -54.35 -20.63
C THR A 1008 15.09 -54.10 -19.15
N SER A 1009 15.19 -55.11 -18.31
CA SER A 1009 15.00 -54.88 -16.88
C SER A 1009 16.14 -54.07 -16.30
N LEU A 1010 17.38 -54.43 -16.59
CA LEU A 1010 18.57 -53.75 -16.04
C LEU A 1010 18.62 -52.34 -16.58
N ARG A 1011 17.99 -52.07 -17.70
CA ARG A 1011 18.06 -50.73 -18.32
C ARG A 1011 16.84 -49.94 -17.89
N LEU A 1012 15.68 -50.56 -17.71
CA LEU A 1012 14.61 -49.71 -17.09
C LEU A 1012 14.87 -49.41 -15.61
N GLY A 1013 15.43 -50.40 -14.92
CA GLY A 1013 15.55 -50.19 -13.46
C GLY A 1013 16.59 -49.15 -13.14
N VAL A 1014 17.67 -49.15 -13.92
CA VAL A 1014 18.68 -48.20 -13.41
C VAL A 1014 18.16 -46.84 -13.73
N TYR A 1015 17.47 -46.70 -14.84
CA TYR A 1015 17.11 -45.28 -15.07
C TYR A 1015 16.18 -44.88 -13.96
N ALA A 1016 15.23 -45.73 -13.59
CA ALA A 1016 14.29 -45.26 -12.54
C ALA A 1016 15.02 -44.90 -11.24
N ALA A 1017 15.98 -45.70 -10.83
CA ALA A 1017 16.74 -45.26 -9.64
C ALA A 1017 17.50 -43.96 -9.83
N LEU A 1018 18.22 -43.76 -10.89
CA LEU A 1018 19.02 -42.52 -10.97
C LEU A 1018 18.01 -41.38 -10.95
N GLY A 1019 16.82 -41.60 -11.46
CA GLY A 1019 15.87 -40.50 -11.34
C GLY A 1019 15.43 -40.22 -9.91
N ILE A 1020 15.10 -41.25 -9.14
CA ILE A 1020 14.77 -41.09 -7.69
C ILE A 1020 15.94 -40.49 -6.91
N LEU A 1021 17.21 -40.71 -7.29
CA LEU A 1021 18.25 -40.00 -6.48
C LEU A 1021 18.16 -38.51 -6.78
N GLN A 1022 17.77 -38.07 -7.96
CA GLN A 1022 17.63 -36.61 -8.16
C GLN A 1022 16.56 -36.15 -7.22
N GLY A 1023 15.46 -36.84 -7.16
CA GLY A 1023 14.35 -36.36 -6.33
C GLY A 1023 14.68 -36.36 -4.86
N PHE A 1024 15.31 -37.39 -4.34
CA PHE A 1024 15.61 -37.32 -2.92
C PHE A 1024 16.52 -36.12 -2.68
N LEU A 1025 17.55 -35.88 -3.47
CA LEU A 1025 18.49 -34.77 -3.18
C LEU A 1025 17.85 -33.38 -3.35
N VAL A 1026 16.99 -33.14 -4.32
CA VAL A 1026 16.41 -31.76 -4.44
C VAL A 1026 15.45 -31.53 -3.27
N MET A 1027 14.69 -32.49 -2.77
CA MET A 1027 13.82 -32.23 -1.61
C MET A 1027 14.69 -31.92 -0.39
N LEU A 1028 15.77 -32.63 -0.18
CA LEU A 1028 16.58 -32.26 0.97
C LEU A 1028 17.11 -30.83 0.79
N ALA A 1029 17.53 -30.38 -0.38
CA ALA A 1029 17.95 -28.96 -0.53
C ALA A 1029 16.80 -28.01 -0.33
N ALA A 1030 15.64 -28.24 -0.91
CA ALA A 1030 14.53 -27.28 -0.80
C ALA A 1030 14.13 -27.16 0.66
N MET A 1031 14.13 -28.24 1.42
CA MET A 1031 13.84 -28.20 2.87
C MET A 1031 15.00 -27.59 3.63
N ALA A 1032 16.17 -27.36 3.05
CA ALA A 1032 17.24 -26.64 3.79
C ALA A 1032 17.36 -25.18 3.36
N MET A 1033 16.52 -24.65 2.45
CA MET A 1033 16.50 -23.22 2.09
C MET A 1033 15.12 -22.76 2.54
N ALA A 1034 14.39 -23.62 3.21
CA ALA A 1034 13.11 -23.17 3.76
C ALA A 1034 13.14 -23.36 5.26
N ALA A 1035 14.20 -23.95 5.77
CA ALA A 1035 14.36 -24.05 7.23
C ALA A 1035 15.65 -23.32 7.56
N GLY A 1036 16.22 -22.65 6.57
CA GLY A 1036 17.45 -21.86 6.73
C GLY A 1036 17.09 -20.45 6.36
N GLY A 1037 15.81 -20.18 6.26
CA GLY A 1037 15.33 -18.83 6.02
C GLY A 1037 14.42 -18.51 7.18
N ILE A 1038 14.24 -19.46 8.09
CA ILE A 1038 13.48 -19.24 9.34
C ILE A 1038 14.56 -19.27 10.41
N GLN A 1039 15.83 -19.16 10.02
CA GLN A 1039 16.91 -18.97 11.01
C GLN A 1039 17.41 -17.58 10.68
N ALA A 1040 17.26 -17.16 9.44
CA ALA A 1040 17.59 -15.75 9.16
C ALA A 1040 16.55 -14.89 9.83
N ALA A 1041 15.27 -15.21 9.73
CA ALA A 1041 14.26 -14.30 10.30
C ALA A 1041 14.43 -14.24 11.80
N ARG A 1042 14.70 -15.34 12.46
CA ARG A 1042 14.93 -15.19 13.90
C ARG A 1042 16.14 -14.31 14.15
N VAL A 1043 17.24 -14.49 13.47
CA VAL A 1043 18.43 -13.67 13.81
C VAL A 1043 18.19 -12.22 13.45
N LEU A 1044 17.62 -11.90 12.30
CA LEU A 1044 17.48 -10.47 11.91
C LEU A 1044 16.49 -9.68 12.77
N HIS A 1045 15.28 -10.17 13.05
CA HIS A 1045 14.35 -9.44 13.96
C HIS A 1045 14.86 -9.44 15.39
N GLN A 1046 15.42 -10.51 15.88
CA GLN A 1046 15.82 -10.45 17.29
C GLN A 1046 16.86 -9.34 17.47
N ALA A 1047 17.64 -8.99 16.46
CA ALA A 1047 18.63 -7.91 16.73
C ALA A 1047 18.05 -6.52 16.47
N LEU A 1048 17.15 -6.33 15.51
CA LEU A 1048 16.53 -5.00 15.32
C LEU A 1048 15.81 -4.69 16.63
N LEU A 1049 15.04 -5.61 17.20
CA LEU A 1049 14.30 -5.28 18.42
C LEU A 1049 15.30 -4.99 19.52
N HIS A 1050 16.51 -5.53 19.49
CA HIS A 1050 17.41 -5.20 20.62
C HIS A 1050 18.11 -3.88 20.41
N ASN A 1051 18.72 -3.60 19.27
CA ASN A 1051 19.36 -2.26 19.15
C ASN A 1051 18.29 -1.20 19.25
N LYS A 1052 17.15 -1.35 18.60
CA LYS A 1052 16.16 -0.25 18.59
C LYS A 1052 15.65 0.08 19.99
N ILE A 1053 15.35 -0.90 20.83
CA ILE A 1053 14.82 -0.64 22.20
C ILE A 1053 15.89 0.06 23.01
N ARG A 1054 17.18 -0.16 22.73
CA ARG A 1054 18.24 0.45 23.57
C ARG A 1054 18.84 1.71 22.96
N SER A 1055 18.33 2.18 21.83
CA SER A 1055 18.91 3.36 21.12
C SER A 1055 18.79 4.58 21.99
N PRO A 1056 19.69 5.56 21.89
CA PRO A 1056 19.66 6.66 22.82
C PRO A 1056 18.41 7.48 22.54
N GLN A 1057 17.95 8.25 23.53
CA GLN A 1057 16.66 9.00 23.41
C GLN A 1057 16.59 9.85 22.16
N SER A 1058 17.71 10.42 21.76
CA SER A 1058 17.64 11.36 20.62
C SER A 1058 17.08 10.65 19.40
N PHE A 1059 17.43 9.41 19.17
CA PHE A 1059 17.01 8.78 17.90
C PHE A 1059 15.51 8.80 17.83
N PHE A 1060 14.84 8.55 18.93
CA PHE A 1060 13.36 8.44 18.82
C PHE A 1060 12.78 9.80 18.45
N ASP A 1061 13.29 10.87 19.06
CA ASP A 1061 12.74 12.23 18.82
C ASP A 1061 12.99 12.72 17.39
N THR A 1062 14.23 12.64 16.91
CA THR A 1062 14.55 13.14 15.56
C THR A 1062 13.88 12.31 14.47
N THR A 1063 13.81 11.00 14.64
CA THR A 1063 13.30 10.13 13.55
C THR A 1063 11.82 9.82 13.73
N PRO A 1064 10.99 9.97 12.67
CA PRO A 1064 9.56 9.79 12.79
C PRO A 1064 9.30 8.33 13.15
N SER A 1065 8.28 8.07 13.97
CA SER A 1065 7.92 6.68 14.34
C SER A 1065 7.48 5.94 13.11
N GLY A 1066 6.91 6.63 12.15
CA GLY A 1066 6.36 5.94 10.96
C GLY A 1066 7.45 5.17 10.24
N ARG A 1067 8.65 5.73 10.13
CA ARG A 1067 9.75 4.95 9.52
C ARG A 1067 10.14 3.74 10.37
N ILE A 1068 10.27 3.85 11.69
CA ILE A 1068 10.73 2.64 12.44
C ILE A 1068 9.67 1.57 12.26
N LEU A 1069 8.40 1.91 12.33
CA LEU A 1069 7.35 0.87 12.26
C LEU A 1069 7.25 0.38 10.84
N ASN A 1070 7.82 1.07 9.87
CA ASN A 1070 7.81 0.47 8.50
C ASN A 1070 8.74 -0.74 8.52
N CYS A 1071 9.92 -0.60 9.13
CA CYS A 1071 10.92 -1.69 9.14
C CYS A 1071 10.42 -2.89 9.93
N PHE A 1072 9.66 -2.72 11.00
CA PHE A 1072 9.24 -3.87 11.82
C PHE A 1072 7.97 -4.47 11.23
N SER A 1073 7.49 -3.91 10.12
CA SER A 1073 6.27 -4.44 9.47
C SER A 1073 6.55 -4.90 8.06
N LYS A 1074 6.72 -3.97 7.11
CA LYS A 1074 6.90 -4.41 5.70
C LYS A 1074 8.24 -5.07 5.41
N ASP A 1075 9.37 -4.56 5.88
CA ASP A 1075 10.67 -5.23 5.68
C ASP A 1075 10.83 -6.56 6.43
N ILE A 1076 10.47 -6.71 7.69
CA ILE A 1076 10.59 -8.04 8.34
C ILE A 1076 9.60 -8.98 7.68
N TYR A 1077 8.52 -8.49 7.09
CA TYR A 1077 7.67 -9.43 6.33
C TYR A 1077 8.42 -9.96 5.12
N VAL A 1078 9.10 -9.14 4.33
CA VAL A 1078 9.77 -9.73 3.14
C VAL A 1078 10.82 -10.72 3.59
N VAL A 1079 11.64 -10.42 4.57
CA VAL A 1079 12.77 -11.33 4.94
C VAL A 1079 12.17 -12.67 5.30
N ASP A 1080 10.94 -12.72 5.78
CA ASP A 1080 10.40 -14.02 6.24
C ASP A 1080 9.57 -14.76 5.22
N GLU A 1081 8.75 -14.07 4.44
CA GLU A 1081 7.81 -14.82 3.56
C GLU A 1081 8.01 -14.54 2.08
N VAL A 1082 9.07 -13.86 1.66
CA VAL A 1082 9.22 -13.69 0.20
C VAL A 1082 10.59 -14.16 -0.26
N LEU A 1083 11.67 -13.84 0.43
CA LEU A 1083 13.00 -14.19 -0.10
C LEU A 1083 13.17 -15.70 -0.13
N ALA A 1084 12.69 -16.46 0.85
CA ALA A 1084 12.99 -17.91 0.77
C ALA A 1084 12.33 -18.56 -0.43
N PRO A 1085 11.07 -18.33 -0.79
CA PRO A 1085 10.53 -18.88 -2.02
C PRO A 1085 11.06 -18.32 -3.35
N VAL A 1086 11.78 -17.19 -3.39
CA VAL A 1086 12.39 -16.65 -4.64
C VAL A 1086 13.85 -17.04 -4.72
N ILE A 1087 14.43 -17.63 -3.68
CA ILE A 1087 15.83 -18.12 -3.84
C ILE A 1087 15.75 -19.62 -4.06
N LEU A 1088 14.57 -20.20 -4.09
CA LEU A 1088 14.46 -21.64 -4.42
C LEU A 1088 13.97 -21.67 -5.84
N MET A 1089 13.90 -20.54 -6.51
CA MET A 1089 13.54 -20.63 -7.93
C MET A 1089 14.67 -20.05 -8.77
N LEU A 1090 15.51 -19.20 -8.20
CA LEU A 1090 16.69 -18.74 -8.98
C LEU A 1090 17.59 -19.97 -9.08
N LEU A 1091 17.71 -20.70 -7.97
CA LEU A 1091 18.58 -21.90 -7.93
C LEU A 1091 18.02 -22.98 -8.86
N ASN A 1092 16.75 -23.33 -8.72
CA ASN A 1092 16.11 -24.34 -9.60
C ASN A 1092 16.42 -24.03 -11.06
N SER A 1093 16.16 -22.80 -11.52
CA SER A 1093 16.34 -22.47 -12.96
C SER A 1093 17.81 -22.35 -13.34
N PHE A 1094 18.69 -21.95 -12.42
CA PHE A 1094 20.14 -21.90 -12.72
C PHE A 1094 20.68 -23.31 -12.91
N PHE A 1095 20.07 -24.31 -12.27
CA PHE A 1095 20.62 -25.69 -12.35
C PHE A 1095 19.93 -26.46 -13.47
N ASN A 1096 18.80 -25.96 -13.97
CA ASN A 1096 18.17 -26.61 -15.15
C ASN A 1096 18.97 -26.14 -16.37
N ALA A 1097 19.47 -24.91 -16.33
CA ALA A 1097 20.35 -24.41 -17.40
C ALA A 1097 21.79 -24.91 -17.31
N ILE A 1098 22.41 -25.00 -16.15
CA ILE A 1098 23.78 -25.58 -16.12
C ILE A 1098 23.74 -27.05 -16.51
N SER A 1099 22.75 -27.83 -16.12
CA SER A 1099 22.71 -29.21 -16.62
C SER A 1099 22.54 -29.21 -18.13
N THR A 1100 21.66 -28.39 -18.69
CA THR A 1100 21.40 -28.45 -20.14
C THR A 1100 22.67 -28.10 -20.90
N LEU A 1101 23.41 -27.10 -20.47
CA LEU A 1101 24.66 -26.71 -21.15
C LEU A 1101 25.75 -27.74 -20.91
N VAL A 1102 25.80 -28.45 -19.79
CA VAL A 1102 26.86 -29.50 -19.64
C VAL A 1102 26.60 -30.66 -20.59
N VAL A 1103 25.36 -31.08 -20.81
CA VAL A 1103 25.20 -32.25 -21.70
C VAL A 1103 25.64 -31.87 -23.10
N ILE A 1104 25.27 -30.70 -23.61
CA ILE A 1104 25.61 -30.40 -25.03
C ILE A 1104 27.11 -30.38 -25.19
N MET A 1105 27.83 -29.76 -24.28
CA MET A 1105 29.30 -29.65 -24.37
C MET A 1105 29.90 -31.03 -24.21
N ALA A 1106 29.38 -31.87 -23.34
CA ALA A 1106 30.02 -33.20 -23.27
C ALA A 1106 29.74 -34.02 -24.53
N SER A 1107 28.52 -33.98 -25.03
CA SER A 1107 28.14 -34.79 -26.21
C SER A 1107 28.89 -34.36 -27.47
N THR A 1108 29.03 -33.06 -27.72
CA THR A 1108 29.77 -32.51 -28.89
C THR A 1108 30.81 -31.57 -28.33
N PRO A 1109 32.04 -32.01 -27.97
CA PRO A 1109 32.97 -31.19 -27.20
C PRO A 1109 33.45 -29.83 -27.70
N LEU A 1110 33.21 -29.47 -28.94
CA LEU A 1110 33.59 -28.11 -29.41
C LEU A 1110 32.48 -27.08 -29.18
N PHE A 1111 31.31 -27.43 -28.66
CA PHE A 1111 30.23 -26.42 -28.54
C PHE A 1111 30.72 -25.39 -27.58
N THR A 1112 31.81 -25.65 -26.88
CA THR A 1112 32.35 -24.74 -25.84
C THR A 1112 32.72 -23.38 -26.41
N VAL A 1113 33.25 -23.31 -27.63
CA VAL A 1113 33.71 -22.00 -28.14
C VAL A 1113 32.55 -21.00 -28.10
N VAL A 1114 31.35 -21.40 -28.50
CA VAL A 1114 30.14 -20.53 -28.52
C VAL A 1114 29.71 -20.11 -27.12
N ILE A 1115 29.94 -20.90 -26.07
CA ILE A 1115 29.37 -20.56 -24.73
C ILE A 1115 29.85 -19.19 -24.27
N LEU A 1116 31.11 -18.83 -24.45
CA LEU A 1116 31.58 -17.53 -23.91
C LEU A 1116 31.04 -16.30 -24.65
N PRO A 1117 30.90 -16.22 -26.00
CA PRO A 1117 30.27 -15.07 -26.64
C PRO A 1117 28.78 -14.91 -26.30
N LEU A 1118 28.03 -16.00 -26.31
CA LEU A 1118 26.59 -15.95 -26.01
C LEU A 1118 26.36 -15.58 -24.55
N ALA A 1119 27.20 -16.01 -23.62
CA ALA A 1119 27.02 -15.58 -22.23
C ALA A 1119 27.22 -14.08 -22.11
N VAL A 1120 28.11 -13.44 -22.85
CA VAL A 1120 28.21 -11.97 -22.68
C VAL A 1120 26.89 -11.35 -23.13
N LEU A 1121 26.32 -11.78 -24.24
CA LEU A 1121 25.06 -11.16 -24.73
C LEU A 1121 23.96 -11.43 -23.73
N TYR A 1122 23.91 -12.59 -23.10
CA TYR A 1122 22.87 -12.81 -22.07
C TYR A 1122 23.10 -11.94 -20.84
N THR A 1123 24.31 -11.75 -20.38
CA THR A 1123 24.41 -10.90 -19.18
C THR A 1123 23.97 -9.50 -19.55
N LEU A 1124 24.39 -8.93 -20.67
CA LEU A 1124 24.10 -7.51 -20.98
C LEU A 1124 22.60 -7.24 -21.06
N VAL A 1125 21.81 -8.08 -21.70
CA VAL A 1125 20.34 -7.89 -21.74
C VAL A 1125 19.76 -7.94 -20.32
N GLN A 1126 20.20 -8.81 -19.40
CA GLN A 1126 19.68 -8.77 -18.01
C GLN A 1126 20.06 -7.49 -17.29
N ARG A 1127 21.29 -6.99 -17.44
CA ARG A 1127 21.68 -5.81 -16.66
C ARG A 1127 20.84 -4.63 -17.11
N PHE A 1128 20.71 -4.39 -18.42
CA PHE A 1128 19.99 -3.19 -18.91
C PHE A 1128 18.48 -3.33 -18.68
N TYR A 1129 17.96 -4.56 -18.72
CA TYR A 1129 16.50 -4.77 -18.56
C TYR A 1129 16.06 -4.51 -17.12
N ALA A 1130 16.68 -5.17 -16.15
CA ALA A 1130 16.21 -5.04 -14.75
C ALA A 1130 16.19 -3.58 -14.33
N ALA A 1131 17.28 -2.85 -14.60
CA ALA A 1131 17.37 -1.43 -14.18
C ALA A 1131 16.16 -0.66 -14.72
N THR A 1132 15.93 -0.71 -16.03
CA THR A 1132 14.82 0.08 -16.63
C THR A 1132 13.47 -0.45 -16.12
N SER A 1133 13.26 -1.77 -16.12
CA SER A 1133 11.95 -2.32 -15.72
C SER A 1133 11.60 -1.86 -14.30
N ARG A 1134 12.55 -1.92 -13.37
CA ARG A 1134 12.28 -1.52 -11.97
C ARG A 1134 11.77 -0.08 -11.93
N GLN A 1135 12.51 0.83 -12.57
CA GLN A 1135 12.12 2.27 -12.55
C GLN A 1135 10.71 2.42 -13.14
N LEU A 1136 10.38 1.65 -14.18
CA LEU A 1136 9.06 1.79 -14.85
C LEU A 1136 7.95 1.19 -13.98
N LYS A 1137 8.26 0.20 -13.14
CA LYS A 1137 7.20 -0.45 -12.35
C LYS A 1137 7.02 0.33 -11.05
N ARG A 1138 7.81 1.38 -10.84
CA ARG A 1138 7.65 2.28 -9.66
C ARG A 1138 6.90 3.51 -10.14
N LEU A 1139 7.27 4.03 -11.31
CA LEU A 1139 6.60 5.22 -11.86
C LEU A 1139 5.14 4.85 -12.09
N GLU A 1140 4.83 3.63 -12.51
CA GLU A 1140 3.42 3.16 -12.65
C GLU A 1140 2.74 3.06 -11.28
N SER A 1141 3.38 2.56 -10.22
CA SER A 1141 2.65 2.43 -8.95
C SER A 1141 2.21 3.78 -8.41
N VAL A 1142 3.09 4.77 -8.43
CA VAL A 1142 2.78 6.14 -7.94
C VAL A 1142 1.66 6.71 -8.80
N SER A 1143 1.69 6.52 -10.11
CA SER A 1143 0.68 7.07 -11.04
C SER A 1143 -0.70 6.47 -10.87
N ARG A 1144 -0.83 5.19 -10.58
CA ARG A 1144 -2.16 4.56 -10.56
C ARG A 1144 -3.04 5.15 -9.48
N SER A 1145 -2.48 5.50 -8.33
CA SER A 1145 -3.36 5.93 -7.21
C SER A 1145 -4.15 7.19 -7.54
N PRO A 1146 -3.58 8.25 -8.12
CA PRO A 1146 -4.39 9.41 -8.36
C PRO A 1146 -5.69 9.14 -9.13
N ILE A 1147 -5.74 8.21 -10.07
CA ILE A 1147 -6.96 8.04 -10.91
C ILE A 1147 -8.10 7.71 -9.98
N TYR A 1148 -7.89 6.87 -8.97
CA TYR A 1148 -8.95 6.49 -7.97
C TYR A 1148 -9.28 7.62 -6.98
N SER A 1149 -8.32 8.41 -6.51
CA SER A 1149 -8.63 9.55 -5.61
C SER A 1149 -9.53 10.54 -6.31
N HIS A 1150 -9.30 10.84 -7.57
CA HIS A 1150 -10.26 11.71 -8.30
C HIS A 1150 -11.63 11.05 -8.40
N PHE A 1151 -11.72 9.77 -8.66
CA PHE A 1151 -13.10 9.24 -8.77
C PHE A 1151 -13.81 9.45 -7.44
N SER A 1152 -13.16 9.21 -6.31
CA SER A 1152 -13.92 9.31 -5.04
C SER A 1152 -14.44 10.73 -4.86
N GLU A 1153 -13.65 11.75 -5.19
CA GLU A 1153 -14.14 13.16 -5.10
C GLU A 1153 -15.28 13.37 -6.09
N THR A 1154 -15.22 12.88 -7.31
CA THR A 1154 -16.33 13.16 -8.23
C THR A 1154 -17.63 12.55 -7.73
N VAL A 1155 -17.64 11.33 -7.18
CA VAL A 1155 -18.87 10.69 -6.60
C VAL A 1155 -19.35 11.46 -5.37
N THR A 1156 -18.45 11.88 -4.48
CA THR A 1156 -18.82 12.63 -3.23
C THR A 1156 -19.33 14.01 -3.53
N GLY A 1157 -18.75 14.73 -4.49
CA GLY A 1157 -19.14 16.13 -4.71
C GLY A 1157 -19.90 16.37 -5.99
N ALA A 1158 -20.49 15.37 -6.58
CA ALA A 1158 -21.09 15.56 -7.90
C ALA A 1158 -22.18 16.59 -7.88
N SER A 1159 -22.62 17.03 -6.74
CA SER A 1159 -23.71 18.01 -6.86
C SER A 1159 -23.13 19.41 -7.01
N VAL A 1160 -21.97 19.71 -6.39
CA VAL A 1160 -21.27 21.02 -6.61
C VAL A 1160 -20.63 21.03 -8.00
N ILE A 1161 -20.01 19.95 -8.45
CA ILE A 1161 -19.35 19.88 -9.78
C ILE A 1161 -20.39 20.14 -10.85
N ARG A 1162 -21.57 19.55 -10.79
CA ARG A 1162 -22.66 19.81 -11.77
C ARG A 1162 -23.35 21.15 -11.61
N ALA A 1163 -23.59 21.63 -10.41
CA ALA A 1163 -24.37 22.88 -10.27
C ALA A 1163 -23.61 24.08 -10.80
N TYR A 1164 -22.29 24.10 -10.62
CA TYR A 1164 -21.45 25.21 -11.14
C TYR A 1164 -21.23 24.98 -12.64
N ASN A 1165 -21.97 24.03 -13.22
CA ASN A 1165 -21.86 23.74 -14.68
C ASN A 1165 -20.40 23.43 -15.02
N ARG A 1166 -19.72 22.62 -14.22
CA ARG A 1166 -18.33 22.21 -14.55
C ARG A 1166 -18.24 20.68 -14.57
N SER A 1167 -19.01 20.03 -15.45
CA SER A 1167 -18.94 18.56 -15.57
C SER A 1167 -17.88 18.17 -16.61
N ARG A 1168 -17.83 18.89 -17.73
CA ARG A 1168 -16.81 18.60 -18.77
C ARG A 1168 -15.42 18.81 -18.17
N ASP A 1169 -15.14 19.99 -17.62
CA ASP A 1169 -13.81 20.28 -17.04
C ASP A 1169 -13.39 19.12 -16.15
N PHE A 1170 -14.34 18.42 -15.52
CA PHE A 1170 -13.96 17.35 -14.55
C PHE A 1170 -13.85 16.01 -15.28
N GLU A 1171 -14.21 15.94 -16.55
CA GLU A 1171 -14.02 14.69 -17.34
C GLU A 1171 -12.65 14.76 -18.00
N ILE A 1172 -12.12 15.97 -18.18
CA ILE A 1172 -10.77 16.17 -18.79
C ILE A 1172 -9.70 16.09 -17.70
N ILE A 1173 -10.04 16.41 -16.44
CA ILE A 1173 -9.05 16.24 -15.34
C ILE A 1173 -8.84 14.74 -15.15
N SER A 1174 -9.84 13.92 -15.50
CA SER A 1174 -9.65 12.45 -15.43
C SER A 1174 -8.73 12.01 -16.57
N ASP A 1175 -9.02 12.43 -17.80
CA ASP A 1175 -8.23 11.95 -18.97
C ASP A 1175 -6.77 12.39 -18.86
N THR A 1176 -6.46 13.41 -18.05
CA THR A 1176 -5.05 13.81 -17.88
C THR A 1176 -4.48 13.00 -16.75
N LYS A 1177 -5.27 12.09 -16.16
CA LYS A 1177 -4.81 11.22 -15.05
C LYS A 1177 -4.80 9.77 -15.54
N VAL A 1178 -5.65 9.43 -16.51
CA VAL A 1178 -5.64 8.06 -17.10
C VAL A 1178 -4.70 8.09 -18.30
N ASP A 1179 -4.09 9.24 -18.61
CA ASP A 1179 -3.11 9.34 -19.72
C ASP A 1179 -1.75 9.68 -19.11
N ALA A 1180 -1.57 9.40 -17.82
CA ALA A 1180 -0.26 9.59 -17.19
C ALA A 1180 0.18 8.23 -16.68
N ASN A 1181 -0.78 7.32 -16.50
CA ASN A 1181 -0.42 5.92 -16.13
C ASN A 1181 -0.09 5.23 -17.44
N GLN A 1182 -0.88 5.47 -18.48
CA GLN A 1182 -0.65 4.81 -19.79
C GLN A 1182 0.75 5.15 -20.27
N ARG A 1183 1.17 6.41 -20.10
CA ARG A 1183 2.50 6.84 -20.59
C ARG A 1183 3.61 6.13 -19.79
N SER A 1184 3.23 5.31 -18.80
CA SER A 1184 4.26 4.57 -18.02
C SER A 1184 3.94 3.08 -18.08
N CYS A 1185 2.74 2.73 -18.54
CA CYS A 1185 2.36 1.31 -18.72
C CYS A 1185 2.91 0.85 -20.06
N TYR A 1186 2.74 1.67 -21.10
CA TYR A 1186 3.27 1.32 -22.44
C TYR A 1186 4.77 1.08 -22.38
N PRO A 1187 5.63 2.01 -21.91
CA PRO A 1187 7.03 1.74 -21.90
C PRO A 1187 7.35 0.41 -21.23
N TYR A 1188 6.68 -0.04 -20.18
CA TYR A 1188 6.93 -1.37 -19.56
C TYR A 1188 6.55 -2.51 -20.50
N ILE A 1189 5.41 -2.48 -21.15
CA ILE A 1189 4.94 -3.61 -22.00
C ILE A 1189 5.95 -3.81 -23.10
N ILE A 1190 6.60 -2.77 -23.63
CA ILE A 1190 7.67 -2.94 -24.66
C ILE A 1190 8.93 -3.51 -24.02
N SER A 1191 9.23 -3.20 -22.77
CA SER A 1191 10.52 -3.63 -22.17
C SER A 1191 10.59 -5.12 -22.03
N ASN A 1192 9.48 -5.77 -21.70
CA ASN A 1192 9.45 -7.25 -21.56
C ASN A 1192 9.35 -7.88 -22.95
N ARG A 1193 9.54 -7.10 -24.02
CA ARG A 1193 9.56 -7.66 -25.40
C ARG A 1193 10.94 -7.46 -25.99
N TRP A 1194 11.69 -6.45 -25.53
CA TRP A 1194 13.09 -6.25 -25.98
C TRP A 1194 13.96 -7.27 -25.25
N LEU A 1195 13.52 -7.73 -24.07
CA LEU A 1195 14.30 -8.79 -23.38
C LEU A 1195 13.91 -10.14 -23.98
N SER A 1196 12.63 -10.38 -24.22
CA SER A 1196 12.18 -11.70 -24.71
C SER A 1196 12.66 -11.94 -26.14
N ILE A 1197 13.33 -10.97 -26.75
CA ILE A 1197 13.90 -11.19 -28.11
C ILE A 1197 15.42 -11.28 -27.98
N GLY A 1198 15.94 -11.15 -26.76
CA GLY A 1198 17.38 -11.34 -26.53
C GLY A 1198 17.62 -12.71 -25.90
N VAL A 1199 16.74 -13.14 -25.01
CA VAL A 1199 16.85 -14.50 -24.38
C VAL A 1199 16.46 -15.55 -25.43
N GLU A 1200 15.70 -15.16 -26.45
CA GLU A 1200 15.26 -16.11 -27.50
C GLU A 1200 16.31 -16.21 -28.61
N PHE A 1201 17.22 -15.24 -28.71
CA PHE A 1201 18.32 -15.35 -29.70
C PHE A 1201 19.49 -16.10 -29.05
N VAL A 1202 19.67 -15.96 -27.73
CA VAL A 1202 20.74 -16.72 -27.02
C VAL A 1202 20.16 -18.10 -26.67
N GLY A 1203 19.04 -18.45 -27.29
CA GLY A 1203 18.44 -19.78 -27.06
C GLY A 1203 18.21 -20.46 -28.40
N ASN A 1204 18.16 -19.69 -29.48
CA ASN A 1204 18.05 -20.28 -30.84
C ASN A 1204 19.47 -20.47 -31.38
N CYS A 1205 20.43 -19.67 -30.90
CA CYS A 1205 21.85 -19.92 -31.29
C CYS A 1205 22.37 -21.20 -30.63
N VAL A 1206 21.85 -21.66 -29.49
CA VAL A 1206 22.20 -22.99 -28.91
C VAL A 1206 21.59 -24.10 -29.77
N VAL A 1207 20.41 -23.94 -30.35
CA VAL A 1207 19.89 -24.99 -31.29
C VAL A 1207 20.69 -25.02 -32.59
N LEU A 1208 21.14 -23.92 -33.15
CA LEU A 1208 21.93 -24.02 -34.39
C LEU A 1208 23.29 -24.61 -34.10
N PHE A 1209 23.93 -24.29 -33.01
CA PHE A 1209 25.33 -24.72 -32.77
C PHE A 1209 25.39 -26.08 -32.08
N ALA A 1210 24.27 -26.67 -31.73
CA ALA A 1210 24.23 -28.02 -31.17
C ALA A 1210 23.76 -28.96 -32.26
N ALA A 1211 23.44 -28.42 -33.42
CA ALA A 1211 23.05 -29.27 -34.56
C ALA A 1211 23.95 -28.97 -35.75
N LEU A 1212 24.93 -28.08 -35.63
CA LEU A 1212 25.87 -27.81 -36.72
C LEU A 1212 27.15 -28.47 -36.27
N PHE A 1213 27.19 -28.98 -35.04
CA PHE A 1213 28.42 -29.60 -34.49
C PHE A 1213 28.21 -31.09 -34.48
N ALA A 1214 26.96 -31.52 -34.41
CA ALA A 1214 26.68 -32.96 -34.57
C ALA A 1214 26.95 -33.34 -36.02
N VAL A 1215 26.49 -32.55 -37.00
CA VAL A 1215 26.75 -32.81 -38.44
C VAL A 1215 28.22 -32.65 -38.79
N ILE A 1216 28.97 -31.73 -38.18
CA ILE A 1216 30.44 -31.68 -38.48
C ILE A 1216 31.08 -32.98 -38.00
N GLY A 1217 30.72 -33.46 -36.83
CA GLY A 1217 31.39 -34.64 -36.26
C GLY A 1217 30.51 -35.87 -36.28
N ARG A 1218 29.90 -36.17 -37.41
CA ARG A 1218 28.96 -37.30 -37.46
C ARG A 1218 29.70 -38.58 -37.15
N SER A 1219 30.91 -38.76 -37.62
CA SER A 1219 31.55 -40.10 -37.51
C SER A 1219 31.70 -40.57 -36.08
N SER A 1220 31.72 -39.69 -35.12
CA SER A 1220 32.01 -40.14 -33.75
C SER A 1220 30.75 -40.17 -32.90
N LEU A 1221 29.70 -39.47 -33.33
CA LEU A 1221 28.41 -39.49 -32.61
C LEU A 1221 27.56 -40.68 -33.03
N ASN A 1222 26.45 -40.89 -32.35
CA ASN A 1222 25.65 -42.09 -32.60
C ASN A 1222 24.24 -41.57 -32.61
N PRO A 1223 23.21 -42.28 -33.06
CA PRO A 1223 21.95 -41.65 -33.12
C PRO A 1223 21.49 -41.08 -31.79
N GLY A 1224 21.68 -41.78 -30.69
CA GLY A 1224 21.19 -41.32 -29.39
C GLY A 1224 21.83 -40.05 -28.88
N LEU A 1225 23.14 -39.90 -28.92
CA LEU A 1225 23.73 -38.67 -28.36
C LEU A 1225 23.29 -37.45 -29.15
N VAL A 1226 23.16 -37.50 -30.48
CA VAL A 1226 22.66 -36.36 -31.30
C VAL A 1226 21.25 -36.05 -30.87
N GLY A 1227 20.42 -37.02 -30.54
CA GLY A 1227 19.08 -36.78 -29.99
C GLY A 1227 19.09 -36.17 -28.62
N LEU A 1228 20.03 -36.53 -27.76
CA LEU A 1228 20.04 -36.02 -26.36
C LEU A 1228 20.53 -34.57 -26.37
N SER A 1229 21.58 -34.27 -27.13
CA SER A 1229 22.09 -32.89 -27.24
C SER A 1229 20.99 -31.99 -27.82
N VAL A 1230 20.54 -32.23 -29.05
CA VAL A 1230 19.54 -31.34 -29.71
C VAL A 1230 18.26 -31.25 -28.87
N SER A 1231 17.72 -32.37 -28.39
CA SER A 1231 16.46 -32.35 -27.61
C SER A 1231 16.58 -31.34 -26.48
N TYR A 1232 17.54 -31.54 -25.58
CA TYR A 1232 17.78 -30.59 -24.47
C TYR A 1232 17.84 -29.16 -25.00
N SER A 1233 18.64 -28.91 -26.03
CA SER A 1233 18.85 -27.54 -26.56
C SER A 1233 17.54 -26.85 -26.97
N LEU A 1234 16.46 -27.59 -27.24
CA LEU A 1234 15.18 -26.91 -27.58
C LEU A 1234 14.55 -26.36 -26.29
N GLN A 1235 15.07 -26.73 -25.12
CA GLN A 1235 14.50 -26.32 -23.83
C GLN A 1235 15.35 -25.31 -23.08
N VAL A 1236 16.42 -24.76 -23.66
CA VAL A 1236 17.24 -23.72 -23.01
C VAL A 1236 16.39 -22.47 -22.83
N THR A 1237 15.54 -22.09 -23.77
CA THR A 1237 14.80 -20.82 -23.63
C THR A 1237 13.90 -20.87 -22.41
N PHE A 1238 13.26 -21.98 -22.09
CA PHE A 1238 12.36 -21.92 -20.92
C PHE A 1238 13.22 -21.68 -19.71
N ALA A 1239 14.35 -22.35 -19.60
CA ALA A 1239 15.16 -22.21 -18.39
C ALA A 1239 15.72 -20.81 -18.32
N LEU A 1240 16.17 -20.25 -19.41
CA LEU A 1240 16.79 -18.92 -19.39
C LEU A 1240 15.76 -17.85 -19.08
N ASN A 1241 14.55 -17.91 -19.59
CA ASN A 1241 13.53 -16.91 -19.19
C ASN A 1241 13.18 -17.00 -17.72
N TRP A 1242 13.06 -18.17 -17.12
CA TRP A 1242 12.80 -18.20 -15.67
C TRP A 1242 13.94 -17.58 -14.88
N MET A 1243 15.19 -17.79 -15.25
CA MET A 1243 16.36 -17.27 -14.52
C MET A 1243 16.37 -15.76 -14.56
N ILE A 1244 15.97 -15.09 -15.64
CA ILE A 1244 15.84 -13.59 -15.68
C ILE A 1244 14.65 -13.05 -14.88
N ARG A 1245 13.48 -13.67 -14.89
CA ARG A 1245 12.39 -13.19 -14.02
C ARG A 1245 12.72 -13.34 -12.54
N MET A 1246 13.22 -14.49 -12.09
CA MET A 1246 13.60 -14.77 -10.69
C MET A 1246 14.82 -13.97 -10.23
N MET A 1247 15.83 -13.72 -11.05
CA MET A 1247 16.98 -12.89 -10.63
C MET A 1247 16.51 -11.49 -10.37
N SER A 1248 15.55 -10.99 -11.14
CA SER A 1248 14.97 -9.65 -10.89
C SER A 1248 14.13 -9.57 -9.61
N ASP A 1249 13.33 -10.59 -9.28
CA ASP A 1249 12.62 -10.50 -7.98
C ASP A 1249 13.66 -10.48 -6.86
N LEU A 1250 14.69 -11.30 -6.87
CA LEU A 1250 15.61 -11.27 -5.70
C LEU A 1250 16.23 -9.89 -5.62
N GLU A 1251 16.69 -9.29 -6.70
CA GLU A 1251 17.38 -7.98 -6.53
C GLU A 1251 16.44 -6.91 -5.98
N SER A 1252 15.19 -6.90 -6.40
CA SER A 1252 14.22 -5.94 -5.86
C SER A 1252 13.89 -6.23 -4.40
N ASN A 1253 13.71 -7.48 -4.02
CA ASN A 1253 13.27 -7.82 -2.65
C ASN A 1253 14.44 -8.00 -1.69
N ILE A 1254 15.69 -7.91 -2.13
CA ILE A 1254 16.79 -8.13 -1.16
C ILE A 1254 17.27 -6.78 -0.73
N VAL A 1255 16.53 -5.73 -1.02
CA VAL A 1255 16.92 -4.41 -0.43
C VAL A 1255 16.54 -4.48 1.04
N ALA A 1256 15.57 -5.31 1.39
CA ALA A 1256 15.07 -5.37 2.78
C ALA A 1256 16.17 -5.81 3.73
N VAL A 1257 16.94 -6.81 3.41
CA VAL A 1257 18.04 -7.17 4.33
C VAL A 1257 18.97 -5.97 4.46
N GLU A 1258 19.05 -5.06 3.49
CA GLU A 1258 19.89 -3.85 3.72
C GLU A 1258 19.27 -2.95 4.78
N ARG A 1259 17.99 -2.62 4.73
CA ARG A 1259 17.45 -1.69 5.75
C ARG A 1259 17.53 -2.35 7.13
N VAL A 1260 17.14 -3.63 7.28
CA VAL A 1260 17.09 -4.26 8.63
C VAL A 1260 18.52 -4.18 9.15
N LYS A 1261 19.50 -4.32 8.28
CA LYS A 1261 20.91 -4.27 8.70
C LYS A 1261 21.31 -2.87 9.14
N GLU A 1262 20.85 -1.81 8.47
CA GLU A 1262 21.32 -0.42 8.80
C GLU A 1262 20.62 0.14 10.03
N TYR A 1263 19.33 -0.15 10.21
CA TYR A 1263 18.68 0.28 11.46
C TYR A 1263 19.39 -0.45 12.61
N SER A 1264 19.71 -1.73 12.48
CA SER A 1264 20.28 -2.49 13.62
C SER A 1264 21.58 -1.91 14.14
N LYS A 1265 22.35 -1.13 13.38
CA LYS A 1265 23.73 -0.68 13.80
C LYS A 1265 23.84 0.67 14.52
N THR A 1266 22.74 1.34 14.87
CA THR A 1266 22.78 2.68 15.49
C THR A 1266 23.47 2.58 16.84
N GLU A 1267 24.00 3.67 17.39
CA GLU A 1267 24.78 3.59 18.65
C GLU A 1267 23.85 3.28 19.80
N THR A 1268 24.37 2.82 20.94
CA THR A 1268 23.49 2.36 22.03
C THR A 1268 23.82 3.05 23.34
N GLU A 1269 22.92 3.01 24.31
CA GLU A 1269 23.12 3.72 25.58
C GLU A 1269 23.94 2.81 26.48
N ALA A 1270 24.30 3.26 27.68
CA ALA A 1270 25.25 2.51 28.52
C ALA A 1270 24.62 1.21 29.00
N PRO A 1271 25.38 0.27 29.58
CA PRO A 1271 24.79 -0.99 29.93
C PRO A 1271 23.61 -0.83 30.89
N TRP A 1272 22.56 -1.60 30.66
CA TRP A 1272 21.40 -1.53 31.59
C TRP A 1272 21.91 -1.92 32.97
N VAL A 1273 22.66 -3.00 33.11
CA VAL A 1273 23.27 -3.32 34.45
C VAL A 1273 24.74 -3.66 34.22
N VAL A 1274 25.68 -3.03 34.92
CA VAL A 1274 27.11 -3.45 34.71
C VAL A 1274 27.64 -4.11 35.98
N GLU A 1275 28.11 -5.34 35.84
CA GLU A 1275 28.60 -6.11 37.02
C GLU A 1275 29.92 -5.50 37.50
N GLY A 1276 30.16 -5.53 38.81
CA GLY A 1276 31.38 -4.94 39.39
C GLY A 1276 31.07 -3.51 39.75
N SER A 1277 29.96 -2.98 39.25
CA SER A 1277 29.53 -1.61 39.61
C SER A 1277 28.11 -1.67 40.19
N ARG A 1278 27.67 -2.85 40.62
CA ARG A 1278 26.30 -3.03 41.15
C ARG A 1278 26.02 -1.97 42.22
N PRO A 1279 24.78 -1.46 42.36
CA PRO A 1279 24.48 -0.37 43.29
C PRO A 1279 24.75 -0.74 44.75
N PRO A 1280 25.24 0.20 45.57
CA PRO A 1280 25.63 -0.09 46.94
C PRO A 1280 24.45 -0.49 47.82
N GLU A 1281 24.75 -1.19 48.91
CA GLU A 1281 23.64 -1.74 49.72
C GLU A 1281 22.79 -0.60 50.26
N GLY A 1282 21.48 -0.63 49.94
CA GLY A 1282 20.57 0.45 50.40
C GLY A 1282 21.13 1.81 50.05
N TRP A 1283 21.59 2.02 48.81
CA TRP A 1283 22.22 3.33 48.45
C TRP A 1283 21.24 4.51 48.45
N PRO A 1284 20.00 4.42 47.94
CA PRO A 1284 19.09 5.55 48.00
C PRO A 1284 18.70 6.12 49.37
N PRO A 1285 18.66 5.38 50.50
CA PRO A 1285 18.20 5.92 51.78
C PRO A 1285 18.75 7.24 52.33
N ARG A 1286 20.00 7.62 52.08
CA ARG A 1286 20.43 8.98 52.57
C ARG A 1286 19.52 10.02 51.90
N GLY A 1287 19.16 9.85 50.62
CA GLY A 1287 18.16 10.72 49.96
C GLY A 1287 18.60 12.14 49.68
N GLU A 1288 19.86 12.36 49.30
CA GLU A 1288 20.32 13.72 48.93
C GLU A 1288 20.98 13.66 47.55
N VAL A 1289 20.57 14.54 46.65
CA VAL A 1289 21.13 14.50 45.28
C VAL A 1289 21.93 15.77 45.04
N GLU A 1290 23.26 15.70 45.01
CA GLU A 1290 24.07 16.92 44.86
C GLU A 1290 24.46 17.05 43.40
N PHE A 1291 24.09 18.13 42.74
CA PHE A 1291 24.55 18.36 41.35
C PHE A 1291 25.87 19.09 41.47
N ARG A 1292 26.96 18.61 40.88
CA ARG A 1292 28.23 19.35 41.10
C ARG A 1292 28.95 19.61 39.77
N ASN A 1293 29.21 20.89 39.44
CA ASN A 1293 30.01 21.21 38.22
C ASN A 1293 29.49 20.48 37.00
N TYR A 1294 28.20 20.58 36.69
CA TYR A 1294 27.61 19.74 35.62
C TYR A 1294 27.25 20.55 34.36
N SER A 1295 27.48 19.98 33.18
CA SER A 1295 27.01 20.65 31.94
C SER A 1295 26.36 19.64 31.00
N VAL A 1296 25.21 19.94 30.36
CA VAL A 1296 24.51 18.91 29.53
C VAL A 1296 23.85 19.50 28.28
N ARG A 1297 23.65 18.68 27.24
CA ARG A 1297 23.07 19.16 25.96
C ARG A 1297 22.22 18.10 25.30
N TYR A 1298 21.20 18.51 24.56
CA TYR A 1298 20.25 17.54 24.00
C TYR A 1298 20.88 16.61 22.97
N ARG A 1299 21.70 17.14 22.07
CA ARG A 1299 22.27 16.30 20.99
C ARG A 1299 23.68 16.78 20.73
N PRO A 1300 24.62 15.94 20.28
CA PRO A 1300 25.93 16.44 19.95
C PRO A 1300 25.67 17.48 18.87
N GLY A 1301 26.38 18.62 18.94
CA GLY A 1301 26.22 19.68 17.93
C GLY A 1301 25.30 20.79 18.39
N LEU A 1302 24.88 20.80 19.66
CA LEU A 1302 24.06 21.92 20.17
C LEU A 1302 24.72 22.54 21.39
N ASP A 1303 24.38 23.79 21.70
CA ASP A 1303 25.00 24.53 22.84
C ASP A 1303 24.51 24.00 24.19
N LEU A 1304 25.32 24.17 25.24
CA LEU A 1304 24.95 23.61 26.57
C LEU A 1304 23.61 24.21 27.00
N VAL A 1305 22.69 23.40 27.54
CA VAL A 1305 21.33 23.87 27.95
C VAL A 1305 21.35 24.06 29.47
N LEU A 1306 22.37 23.53 30.13
CA LEU A 1306 22.50 23.78 31.58
C LEU A 1306 23.96 24.10 31.80
N ARG A 1307 24.29 24.97 32.76
CA ARG A 1307 25.72 25.35 32.84
C ARG A 1307 26.34 25.27 34.24
N ASP A 1308 27.34 24.40 34.45
CA ASP A 1308 28.14 24.39 35.71
C ASP A 1308 27.31 24.37 37.00
N LEU A 1309 26.26 23.57 37.08
CA LEU A 1309 25.37 23.65 38.28
C LEU A 1309 26.11 23.16 39.52
N SER A 1310 25.94 23.84 40.66
CA SER A 1310 26.50 23.32 41.94
C SER A 1310 25.40 23.41 43.00
N LEU A 1311 24.90 22.28 43.53
CA LEU A 1311 23.75 22.29 44.47
C LEU A 1311 23.90 21.19 45.51
N HIS A 1312 23.19 21.31 46.64
CA HIS A 1312 23.18 20.24 47.65
C HIS A 1312 21.79 20.27 48.26
N VAL A 1313 21.04 19.16 48.17
CA VAL A 1313 19.62 19.18 48.64
C VAL A 1313 19.53 18.35 49.92
N HIS A 1314 19.02 18.96 50.98
CA HIS A 1314 18.88 18.24 52.26
C HIS A 1314 17.87 17.14 52.02
N GLY A 1315 18.08 15.97 52.62
CA GLY A 1315 17.15 14.88 52.30
C GLY A 1315 15.75 15.22 52.74
N GLY A 1316 14.81 15.18 51.80
CA GLY A 1316 13.39 15.35 52.16
C GLY A 1316 12.83 16.74 51.97
N GLU A 1317 13.64 17.78 51.88
CA GLU A 1317 12.97 19.10 51.74
C GLU A 1317 12.43 19.20 50.32
N LYS A 1318 11.34 19.94 50.14
CA LYS A 1318 10.73 19.97 48.79
C LYS A 1318 11.36 21.10 47.99
N VAL A 1319 12.40 20.78 47.23
CA VAL A 1319 13.07 21.81 46.39
C VAL A 1319 12.28 21.93 45.08
N GLY A 1320 11.43 22.95 44.96
CA GLY A 1320 10.73 23.18 43.69
C GLY A 1320 11.69 23.76 42.67
N ILE A 1321 11.53 23.44 41.40
CA ILE A 1321 12.39 24.11 40.38
C ILE A 1321 11.51 25.11 39.64
N VAL A 1322 11.78 26.42 39.79
CA VAL A 1322 10.96 27.49 39.17
C VAL A 1322 11.81 28.07 38.05
N GLY A 1323 11.28 28.16 36.84
CA GLY A 1323 12.20 28.66 35.81
C GLY A 1323 11.58 29.55 34.75
N ARG A 1324 12.39 30.41 34.15
CA ARG A 1324 11.88 31.22 33.03
C ARG A 1324 11.72 30.29 31.83
N THR A 1325 10.84 30.64 30.89
CA THR A 1325 10.77 29.82 29.65
C THR A 1325 12.13 29.94 28.95
N GLY A 1326 12.66 28.83 28.42
CA GLY A 1326 14.01 28.89 27.82
C GLY A 1326 15.12 28.75 28.84
N ALA A 1327 14.80 28.40 30.08
CA ALA A 1327 15.85 28.17 31.09
C ALA A 1327 16.25 26.68 31.12
N GLY A 1328 15.66 25.86 30.25
CA GLY A 1328 15.91 24.40 30.27
C GLY A 1328 15.50 23.74 31.58
N LYS A 1329 14.32 24.09 32.11
CA LYS A 1329 13.83 23.39 33.32
C LYS A 1329 13.62 21.92 32.95
N SER A 1330 13.13 21.66 31.74
CA SER A 1330 12.81 20.26 31.32
C SER A 1330 14.07 19.40 31.34
N SER A 1331 15.24 20.01 31.29
CA SER A 1331 16.48 19.22 31.41
C SER A 1331 16.61 18.60 32.79
N MET A 1332 16.07 19.23 33.84
CA MET A 1332 16.34 18.67 35.18
C MET A 1332 15.81 17.24 35.29
N THR A 1333 14.61 16.94 34.80
CA THR A 1333 14.06 15.58 34.99
C THR A 1333 14.93 14.59 34.23
N LEU A 1334 15.26 14.92 33.00
CA LEU A 1334 16.03 13.98 32.16
C LEU A 1334 17.41 13.76 32.74
N CYS A 1335 18.05 14.78 33.29
CA CYS A 1335 19.45 14.61 33.74
C CYS A 1335 19.59 13.59 34.87
N LEU A 1336 18.66 13.55 35.83
CA LEU A 1336 18.78 12.62 36.99
C LEU A 1336 18.64 11.16 36.55
N PHE A 1337 17.88 10.88 35.51
CA PHE A 1337 17.62 9.49 35.10
C PHE A 1337 18.62 9.08 34.01
N ARG A 1338 19.61 9.91 33.79
CA ARG A 1338 20.66 9.63 32.79
C ARG A 1338 20.03 9.38 31.42
N ILE A 1339 18.91 10.03 31.11
CA ILE A 1339 18.37 9.96 29.73
C ILE A 1339 19.43 10.65 28.89
N LEU A 1340 20.04 11.73 29.41
CA LEU A 1340 21.12 12.50 28.70
C LEU A 1340 22.39 12.38 29.52
N GLU A 1341 23.50 12.00 28.89
CA GLU A 1341 24.77 11.78 29.63
C GLU A 1341 25.39 13.09 30.06
N ALA A 1342 26.16 13.06 31.14
CA ALA A 1342 26.72 14.32 31.67
C ALA A 1342 27.96 14.70 30.87
N ALA A 1343 27.89 15.82 30.15
CA ALA A 1343 29.03 16.32 29.34
C ALA A 1343 30.19 16.66 30.25
N LYS A 1344 29.92 17.25 31.40
CA LYS A 1344 31.04 17.45 32.37
C LYS A 1344 30.47 17.55 33.77
N GLY A 1345 31.21 17.03 34.76
CA GLY A 1345 30.75 17.07 36.16
C GLY A 1345 30.13 15.77 36.66
N GLU A 1346 29.22 15.87 37.62
CA GLU A 1346 28.57 14.67 38.18
C GLU A 1346 27.21 15.02 38.78
N ILE A 1347 26.34 14.03 39.01
CA ILE A 1347 25.03 14.24 39.68
C ILE A 1347 25.04 13.25 40.84
N ARG A 1348 26.16 13.16 41.55
CA ARG A 1348 26.32 12.10 42.58
C ARG A 1348 25.18 12.13 43.59
N ILE A 1349 24.62 10.97 43.90
CA ILE A 1349 23.53 10.85 44.91
C ILE A 1349 24.15 10.13 46.10
N ASP A 1350 24.15 10.74 47.28
CA ASP A 1350 24.62 10.05 48.50
C ASP A 1350 26.05 9.57 48.29
N GLY A 1351 26.86 10.33 47.56
CA GLY A 1351 28.29 9.99 47.36
C GLY A 1351 28.52 9.03 46.21
N LEU A 1352 27.45 8.58 45.55
CA LEU A 1352 27.59 7.60 44.45
C LEU A 1352 27.23 8.29 43.14
N ASN A 1353 28.18 8.41 42.23
CA ASN A 1353 27.84 8.98 40.91
C ASN A 1353 26.87 8.01 40.24
N VAL A 1354 25.89 8.55 39.56
CA VAL A 1354 24.92 7.71 38.83
C VAL A 1354 25.66 7.13 37.63
N ALA A 1355 26.76 7.77 37.23
CA ALA A 1355 27.49 7.32 36.02
C ALA A 1355 28.05 5.91 36.22
N ASP A 1356 28.69 5.64 37.35
CA ASP A 1356 29.32 4.32 37.57
C ASP A 1356 28.27 3.21 37.62
N ILE A 1357 27.14 3.43 38.30
CA ILE A 1357 26.14 2.34 38.49
C ILE A 1357 25.48 2.04 37.14
N GLY A 1358 24.94 0.83 36.95
CA GLY A 1358 24.23 0.47 35.70
C GLY A 1358 22.98 1.33 35.50
N LEU A 1359 22.72 1.75 34.27
CA LEU A 1359 21.60 2.69 34.01
C LEU A 1359 20.31 2.14 34.61
N HIS A 1360 20.07 0.84 34.50
CA HIS A 1360 18.76 0.29 34.93
C HIS A 1360 18.60 0.29 36.44
N ASP A 1361 19.62 -0.08 37.18
CA ASP A 1361 19.38 -0.19 38.64
C ASP A 1361 19.01 1.19 39.16
N VAL A 1362 19.74 2.22 38.75
CA VAL A 1362 19.47 3.59 39.27
C VAL A 1362 18.04 4.00 38.92
N ARG A 1363 17.58 3.77 37.67
CA ARG A 1363 16.25 4.31 37.30
C ARG A 1363 15.15 3.67 38.16
N SER A 1364 15.22 2.37 38.46
CA SER A 1364 14.12 1.68 39.18
C SER A 1364 13.91 2.24 40.57
N GLN A 1365 14.99 2.62 41.26
CA GLN A 1365 14.92 3.08 42.66
C GLN A 1365 14.28 4.46 42.81
N LEU A 1366 13.92 5.13 41.72
CA LEU A 1366 13.41 6.53 41.83
C LEU A 1366 11.99 6.63 41.24
N THR A 1367 11.15 7.51 41.80
CA THR A 1367 9.76 7.63 41.35
C THR A 1367 9.59 8.83 40.43
N ILE A 1368 9.01 8.64 39.24
CA ILE A 1368 8.72 9.80 38.34
C ILE A 1368 7.23 9.76 38.01
N ILE A 1369 6.47 10.77 38.42
CA ILE A 1369 5.05 10.88 38.01
C ILE A 1369 5.12 11.69 36.72
N PRO A 1370 5.22 11.06 35.53
CA PRO A 1370 5.49 11.81 34.30
C PRO A 1370 4.47 12.84 33.83
N GLN A 1371 4.93 13.81 33.03
CA GLN A 1371 4.04 14.91 32.59
C GLN A 1371 2.87 14.36 31.79
N ASP A 1372 3.14 13.44 30.86
CA ASP A 1372 2.05 12.94 30.01
C ASP A 1372 1.66 11.59 30.60
N PRO A 1373 0.39 11.33 30.94
CA PRO A 1373 0.05 10.01 31.44
C PRO A 1373 -0.16 9.10 30.24
N ILE A 1374 0.51 7.94 30.24
CA ILE A 1374 0.37 6.99 29.11
C ILE A 1374 -0.14 5.66 29.62
N LEU A 1375 -1.16 5.12 28.96
CA LEU A 1375 -1.69 3.78 29.32
C LEU A 1375 -1.58 2.94 28.06
N PHE A 1376 -0.62 2.03 28.00
CA PHE A 1376 -0.54 1.14 26.83
C PHE A 1376 -1.68 0.15 26.94
N SER A 1377 -2.20 -0.34 25.82
CA SER A 1377 -3.38 -1.23 25.86
C SER A 1377 -3.04 -2.48 26.64
N GLY A 1378 -4.04 -3.06 27.28
CA GLY A 1378 -3.77 -4.22 28.15
C GLY A 1378 -4.64 -4.15 29.38
N THR A 1379 -4.08 -4.51 30.52
CA THR A 1379 -4.91 -4.57 31.72
C THR A 1379 -4.39 -3.61 32.77
N LEU A 1380 -5.27 -3.10 33.62
CA LEU A 1380 -4.85 -2.25 34.73
C LEU A 1380 -3.99 -3.12 35.61
N ARG A 1381 -4.07 -4.43 35.45
CA ARG A 1381 -3.13 -5.26 36.21
C ARG A 1381 -1.72 -4.92 35.72
N MET A 1382 -1.52 -4.83 34.40
CA MET A 1382 -0.14 -4.59 33.87
C MET A 1382 0.20 -3.11 33.97
N ASN A 1383 -0.75 -2.23 33.63
CA ASN A 1383 -0.42 -0.79 33.61
C ASN A 1383 0.05 -0.39 35.00
N LEU A 1384 -0.60 -0.84 36.05
CA LEU A 1384 -0.05 -0.60 37.40
C LEU A 1384 1.22 -1.41 37.60
N ASP A 1385 1.32 -2.65 37.11
CA ASP A 1385 2.63 -3.34 37.34
C ASP A 1385 2.97 -4.39 36.28
N PRO A 1386 3.91 -4.14 35.34
CA PRO A 1386 4.23 -5.10 34.31
C PRO A 1386 4.98 -6.28 34.92
N PHE A 1387 5.93 -6.00 35.78
CA PHE A 1387 6.59 -7.15 36.46
C PHE A 1387 5.50 -7.82 37.28
N GLY A 1388 4.62 -7.01 37.88
CA GLY A 1388 3.50 -7.56 38.67
C GLY A 1388 3.95 -7.95 40.05
N SER A 1389 5.19 -7.61 40.41
CA SER A 1389 5.75 -8.04 41.73
C SER A 1389 5.08 -7.26 42.85
N SER A 1391 2.48 -5.73 45.71
CA SER A 1391 1.74 -6.53 46.73
C SER A 1391 0.42 -7.05 46.17
N GLU A 1392 0.05 -8.26 46.57
CA GLU A 1392 -1.16 -8.91 46.01
C GLU A 1392 -2.39 -8.04 46.27
N GLU A 1393 -2.50 -7.43 47.45
CA GLU A 1393 -3.74 -6.66 47.76
C GLU A 1393 -3.55 -5.16 47.53
N ASP A 1394 -2.31 -4.68 47.42
CA ASP A 1394 -2.06 -3.22 47.39
C ASP A 1394 -2.65 -2.51 46.18
N ILE A 1395 -2.87 -3.21 45.06
CA ILE A 1395 -3.29 -2.47 43.82
C ILE A 1395 -4.58 -1.70 44.08
N TRP A 1396 -5.52 -2.28 44.79
CA TRP A 1396 -6.75 -1.53 45.16
C TRP A 1396 -6.45 -0.40 46.13
N TRP A 1397 -5.64 -0.65 47.15
CA TRP A 1397 -5.49 0.35 48.24
C TRP A 1397 -4.98 1.68 47.70
N ALA A 1398 -3.92 1.64 46.90
CA ALA A 1398 -3.35 2.88 46.33
C ALA A 1398 -4.37 3.50 45.39
N LEU A 1399 -5.10 2.68 44.64
CA LEU A 1399 -6.06 3.23 43.65
C LEU A 1399 -7.13 4.05 44.34
N GLU A 1400 -7.71 3.57 45.44
CA GLU A 1400 -8.65 4.42 46.20
C GLU A 1400 -7.89 5.58 46.87
N LEU A 1401 -6.65 5.35 47.33
CA LEU A 1401 -5.85 6.46 47.88
C LEU A 1401 -5.81 7.53 46.80
N SER A 1402 -5.85 7.09 45.54
CA SER A 1402 -5.89 8.06 44.40
C SER A 1402 -7.33 8.25 43.94
N HIS A 1403 -8.30 7.73 44.70
CA HIS A 1403 -9.74 7.89 44.38
C HIS A 1403 -10.10 7.23 43.05
N LEU A 1404 -9.47 6.09 42.76
CA LEU A 1404 -9.74 5.38 41.49
C LEU A 1404 -10.48 4.05 41.73
N HIS A 1405 -10.38 3.45 42.93
CA HIS A 1405 -10.98 2.11 43.18
C HIS A 1405 -12.51 2.10 43.02
N THR A 1406 -13.20 3.18 43.40
CA THR A 1406 -14.66 3.22 43.19
C THR A 1406 -14.96 3.09 41.71
N PHE A 1407 -14.21 3.78 40.84
CA PHE A 1407 -14.43 3.55 39.39
C PHE A 1407 -14.05 2.13 38.99
N VAL A 1408 -12.95 1.60 39.52
CA VAL A 1408 -12.50 0.22 39.15
C VAL A 1408 -13.55 -0.81 39.60
N SER A 1409 -14.05 -0.69 40.83
CA SER A 1409 -15.04 -1.66 41.32
C SER A 1409 -16.31 -1.53 40.47
N SER A 1410 -16.68 -0.31 40.12
CA SER A 1410 -17.94 -0.10 39.36
C SER A 1410 -17.96 -1.01 38.14
N GLN A 1411 -16.98 -0.90 37.24
CA GLN A 1411 -17.08 -1.74 36.03
C GLN A 1411 -17.12 -3.17 36.53
N PRO A 1412 -17.99 -4.05 35.99
CA PRO A 1412 -18.17 -5.41 36.56
C PRO A 1412 -16.88 -6.23 36.56
N ALA A 1413 -16.07 -6.08 35.52
CA ALA A 1413 -14.80 -6.85 35.43
C ALA A 1413 -13.88 -6.51 36.59
N GLY A 1414 -13.85 -5.24 37.03
CA GLY A 1414 -12.90 -4.81 38.09
C GLY A 1414 -11.44 -4.82 37.63
N LEU A 1415 -10.57 -5.57 38.32
CA LEU A 1415 -9.16 -5.66 37.84
C LEU A 1415 -9.21 -6.29 36.46
N ASP A 1416 -8.35 -5.85 35.56
CA ASP A 1416 -8.37 -6.35 34.18
C ASP A 1416 -9.46 -5.64 33.40
N PHE A 1417 -9.96 -4.53 33.93
CA PHE A 1417 -10.90 -3.77 33.06
C PHE A 1417 -10.05 -3.40 31.85
N GLN A 1418 -10.54 -3.65 30.64
CA GLN A 1418 -9.65 -3.44 29.46
C GLN A 1418 -9.33 -1.97 29.24
N CYS A 1419 -8.07 -1.63 28.90
CA CYS A 1419 -7.72 -0.23 28.55
C CYS A 1419 -7.38 -0.18 27.06
N SER A 1420 -7.99 0.74 26.32
CA SER A 1420 -7.84 0.74 24.85
C SER A 1420 -6.46 1.20 24.40
N GLU A 1421 -6.27 1.28 23.08
CA GLU A 1421 -4.98 1.80 22.58
C GLU A 1421 -4.83 3.22 23.11
N GLY A 1422 -3.69 3.53 23.72
CA GLY A 1422 -3.44 4.89 24.24
C GLY A 1422 -4.25 5.15 25.49
N GLY A 1423 -4.83 4.11 26.08
CA GLY A 1423 -5.67 4.27 27.29
C GLY A 1423 -6.82 5.23 27.03
N GLU A 1424 -7.38 5.23 25.82
CA GLU A 1424 -8.45 6.19 25.46
C GLU A 1424 -9.69 5.99 26.33
N ASN A 1425 -10.07 4.75 26.63
CA ASN A 1425 -11.33 4.55 27.38
C ASN A 1425 -11.24 5.28 28.73
N LEU A 1426 -10.15 5.13 29.47
CA LEU A 1426 -10.00 5.88 30.74
C LEU A 1426 -9.87 7.38 30.41
N SER A 1427 -10.52 8.26 31.19
CA SER A 1427 -10.45 9.73 30.96
C SER A 1427 -9.08 10.25 31.37
N VAL A 1428 -8.69 11.41 30.88
CA VAL A 1428 -7.31 11.91 31.15
C VAL A 1428 -7.13 12.06 32.66
N GLY A 1429 -8.15 12.55 33.34
CA GLY A 1429 -7.95 12.79 34.77
C GLY A 1429 -7.63 11.51 35.50
N GLN A 1430 -8.35 10.44 35.16
CA GLN A 1430 -8.11 9.16 35.86
C GLN A 1430 -6.70 8.72 35.50
N ARG A 1431 -6.29 8.94 34.25
CA ARG A 1431 -4.96 8.48 33.81
C ARG A 1431 -3.89 9.19 34.64
N GLN A 1432 -4.09 10.47 34.93
CA GLN A 1432 -3.03 11.23 35.63
C GLN A 1432 -2.85 10.54 36.99
N LEU A 1433 -3.95 10.16 37.64
CA LEU A 1433 -3.88 9.48 38.94
C LEU A 1433 -3.24 8.12 38.75
N VAL A 1434 -3.42 7.55 37.57
CA VAL A 1434 -2.88 6.19 37.31
C VAL A 1434 -1.38 6.27 37.51
N CYS A 1435 -0.79 7.37 37.05
CA CYS A 1435 0.67 7.59 37.22
C CYS A 1435 0.93 7.67 38.71
N LEU A 1436 0.08 8.40 39.42
CA LEU A 1436 0.33 8.59 40.86
C LEU A 1436 0.35 7.20 41.45
N ALA A 1437 -0.51 6.34 40.92
CA ALA A 1437 -0.61 4.99 41.49
C ALA A 1437 0.68 4.19 41.29
N ARG A 1438 1.26 4.18 40.09
CA ARG A 1438 2.43 3.28 39.90
C ARG A 1438 3.46 3.80 40.88
N ALA A 1439 3.52 5.12 40.96
CA ALA A 1439 4.48 5.77 41.87
C ALA A 1439 4.14 5.40 43.30
N LEU A 1440 2.85 5.35 43.63
CA LEU A 1440 2.49 5.14 45.03
C LEU A 1440 3.10 3.81 45.43
N LEU A 1441 3.03 2.83 44.54
CA LEU A 1441 3.65 1.50 44.82
C LEU A 1441 5.17 1.60 44.94
N ARG A 1442 5.85 2.38 44.10
CA ARG A 1442 7.34 2.41 44.09
C ARG A 1442 7.92 2.79 45.46
N LYS A 1443 7.39 3.84 46.10
CA LYS A 1443 7.84 4.18 47.48
C LYS A 1443 9.35 4.45 47.54
N SER A 1444 9.89 5.24 46.63
CA SER A 1444 11.35 5.54 46.60
C SER A 1444 11.74 6.67 47.56
N ARG A 1445 13.04 6.82 47.81
CA ARG A 1445 13.58 7.93 48.66
C ARG A 1445 13.37 9.31 48.01
N ILE A 1446 13.44 9.41 46.68
CA ILE A 1446 13.27 10.69 45.96
C ILE A 1446 11.97 10.64 45.15
N LEU A 1447 11.29 11.77 44.95
CA LEU A 1447 10.08 11.78 44.08
C LEU A 1447 10.22 12.93 43.08
N VAL A 1448 9.92 12.67 41.81
CA VAL A 1448 10.13 13.71 40.78
C VAL A 1448 8.81 13.90 40.05
N LEU A 1449 8.17 15.06 40.19
CA LEU A 1449 6.92 15.32 39.42
C LEU A 1449 7.33 15.92 38.10
N ASP A 1450 6.38 16.19 37.22
CA ASP A 1450 6.72 16.88 35.96
C ASP A 1450 5.52 17.60 35.39
N GLU A 1451 5.65 18.87 35.02
CA GLU A 1451 4.53 19.56 34.31
C GLU A 1451 3.23 19.20 35.01
N ALA A 1452 3.12 19.50 36.29
CA ALA A 1452 1.94 19.01 37.02
C ALA A 1452 0.66 19.49 36.35
N THR A 1453 0.53 20.78 36.03
CA THR A 1453 -0.78 21.21 35.46
C THR A 1453 -0.63 22.37 34.49
N ALA A 1454 -1.21 22.26 33.30
CA ALA A 1454 -1.24 23.40 32.36
C ALA A 1454 -2.72 23.57 32.03
N ALA A 1455 -3.40 22.47 31.72
CA ALA A 1455 -4.85 22.49 31.41
C ALA A 1455 -5.66 21.52 32.28
N ILE A 1456 -5.01 20.68 33.08
CA ILE A 1456 -5.76 19.63 33.85
C ILE A 1456 -6.61 20.26 34.95
N ASP A 1457 -7.73 19.61 35.31
CA ASP A 1457 -8.67 20.22 36.28
C ASP A 1457 -8.10 20.27 37.70
N LEU A 1458 -8.58 21.23 38.49
CA LEU A 1458 -8.08 21.42 39.88
C LEU A 1458 -8.40 20.21 40.75
N GLU A 1459 -9.55 19.57 40.59
CA GLU A 1459 -9.92 18.50 41.55
C GLU A 1459 -8.83 17.42 41.55
N THR A 1460 -8.41 16.98 40.37
CA THR A 1460 -7.29 16.00 40.33
C THR A 1460 -6.04 16.71 40.85
N ASP A 1461 -5.85 17.96 40.46
CA ASP A 1461 -4.59 18.63 40.86
C ASP A 1461 -4.57 18.69 42.39
N ASN A 1462 -5.69 19.06 43.00
CA ASN A 1462 -5.77 19.19 44.47
C ASN A 1462 -5.50 17.82 45.05
N LEU A 1463 -6.09 16.80 44.43
CA LEU A 1463 -5.96 15.46 45.02
C LEU A 1463 -4.47 15.12 45.05
N ILE A 1464 -3.77 15.41 43.97
CA ILE A 1464 -2.37 14.95 43.93
C ILE A 1464 -1.56 15.61 45.03
N GLN A 1465 -1.69 16.92 45.19
CA GLN A 1465 -0.75 17.59 46.13
C GLN A 1465 -0.94 17.13 47.57
N ALA A 1466 -2.18 16.98 48.05
CA ALA A 1466 -2.28 16.53 49.46
C ALA A 1466 -1.69 15.12 49.58
N THR A 1467 -2.06 14.23 48.66
CA THR A 1467 -1.60 12.83 48.74
C THR A 1467 -0.08 12.83 48.72
N ILE A 1468 0.51 13.52 47.75
CA ILE A 1468 2.00 13.50 47.64
C ILE A 1468 2.56 14.16 48.90
N ARG A 1469 1.89 15.20 49.39
CA ARG A 1469 2.37 15.81 50.66
C ARG A 1469 2.22 14.80 51.80
N THR A 1470 1.06 14.16 51.94
CA THR A 1470 0.83 13.23 53.07
C THR A 1470 1.60 11.91 52.94
N GLN A 1471 1.68 11.34 51.74
CA GLN A 1471 2.28 9.99 51.62
C GLN A 1471 3.76 10.05 51.24
N PHE A 1472 4.14 11.02 50.43
CA PHE A 1472 5.55 11.09 49.96
C PHE A 1472 6.32 12.01 50.90
N ASP A 1473 5.74 12.33 52.05
CA ASP A 1473 6.35 13.32 52.97
C ASP A 1473 7.77 12.92 53.42
N THR A 1474 8.00 11.66 53.78
CA THR A 1474 9.34 11.31 54.32
C THR A 1474 10.27 10.96 53.16
N CYS A 1475 10.44 11.87 52.20
CA CYS A 1475 11.26 11.57 51.00
C CYS A 1475 11.74 12.89 50.40
N THR A 1476 12.85 12.88 49.66
CA THR A 1476 13.25 14.12 48.98
C THR A 1476 12.23 14.34 47.87
N VAL A 1477 11.67 15.52 47.73
CA VAL A 1477 10.74 15.64 46.58
C VAL A 1477 11.18 16.81 45.72
N LEU A 1478 11.49 16.57 44.45
CA LEU A 1478 11.89 17.66 43.54
C LEU A 1478 10.78 17.84 42.51
N THR A 1479 10.06 18.95 42.57
CA THR A 1479 8.92 19.14 41.65
C THR A 1479 9.22 20.28 40.68
N ILE A 1480 9.35 19.99 39.38
CA ILE A 1480 9.50 21.08 38.40
C ILE A 1480 8.13 21.72 38.40
N ALA A 1481 8.01 23.04 38.30
CA ALA A 1481 6.65 23.65 38.42
C ALA A 1481 6.22 24.37 37.14
N HIS A 1482 5.20 23.89 36.44
CA HIS A 1482 4.70 24.64 35.26
C HIS A 1482 3.91 25.86 35.75
N ARG A 1483 3.36 25.77 36.96
CA ARG A 1483 2.66 26.96 37.54
C ARG A 1483 3.34 27.24 38.89
N LEU A 1484 3.74 28.49 39.12
CA LEU A 1484 4.47 28.78 40.38
C LEU A 1484 3.47 28.72 41.54
N ASN A 1485 2.17 28.68 41.22
CA ASN A 1485 1.12 28.58 42.27
C ASN A 1485 1.28 27.25 43.02
N THR A 1486 1.57 26.15 42.31
CA THR A 1486 1.68 24.82 42.96
C THR A 1486 2.82 24.87 43.96
N ILE A 1487 3.92 25.55 43.62
CA ILE A 1487 5.12 25.58 44.52
C ILE A 1487 4.93 26.65 45.59
N MET A 1488 4.15 26.32 46.61
CA MET A 1488 3.98 27.26 47.74
C MET A 1488 4.26 26.44 48.99
N ASP A 1489 5.07 26.96 49.93
CA ASP A 1489 5.43 26.24 51.19
C ASP A 1489 6.58 25.26 50.95
N TYR A 1490 7.13 25.23 49.74
CA TYR A 1490 8.31 24.36 49.53
C TYR A 1490 9.43 24.97 50.36
N THR A 1491 10.24 24.15 51.02
CA THR A 1491 11.27 24.69 51.93
C THR A 1491 12.32 25.53 51.19
N ARG A 1492 12.88 25.02 50.09
CA ARG A 1492 13.98 25.71 49.38
C ARG A 1492 13.62 25.77 47.90
N VAL A 1493 13.64 26.94 47.26
CA VAL A 1493 13.21 26.91 45.83
C VAL A 1493 14.37 27.27 44.92
N LEU A 1494 14.58 26.48 43.86
CA LEU A 1494 15.69 26.74 42.90
C LEU A 1494 15.09 27.47 41.72
N VAL A 1495 15.49 28.72 41.51
CA VAL A 1495 15.00 29.44 40.31
C VAL A 1495 16.05 29.28 39.22
N LEU A 1496 15.64 28.88 38.02
CA LEU A 1496 16.62 28.66 36.92
C LEU A 1496 16.35 29.65 35.77
N ASP A 1497 17.37 30.38 35.31
CA ASP A 1497 17.20 31.27 34.12
C ASP A 1497 18.34 31.04 33.13
N LYS A 1498 18.02 30.64 31.90
CA LYS A 1498 19.05 30.48 30.84
C LYS A 1498 20.21 29.62 31.35
N GLY A 1499 19.92 28.54 32.06
CA GLY A 1499 20.99 27.63 32.50
C GLY A 1499 21.78 28.19 33.66
N VAL A 1500 21.23 29.17 34.36
CA VAL A 1500 21.90 29.68 35.59
C VAL A 1500 20.92 29.58 36.76
N VAL A 1501 21.40 29.09 37.91
CA VAL A 1501 20.51 28.94 39.10
C VAL A 1501 20.45 30.29 39.82
N ALA A 1502 19.28 30.92 39.83
CA ALA A 1502 19.23 32.28 40.42
C ALA A 1502 19.53 32.22 41.92
N GLU A 1503 18.89 31.32 42.67
CA GLU A 1503 19.08 31.31 44.14
C GLU A 1503 18.57 30.00 44.75
N PHE A 1504 18.92 29.75 46.02
CA PHE A 1504 18.41 28.55 46.74
C PHE A 1504 17.90 28.99 48.11
N ASP A 1505 16.67 29.49 48.17
CA ASP A 1505 16.12 30.00 49.46
C ASP A 1505 14.60 29.85 49.48
N SER A 1506 13.95 30.29 50.56
CA SER A 1506 12.48 30.16 50.72
C SER A 1506 11.74 31.11 49.78
N PRO A 1507 10.51 30.78 49.36
CA PRO A 1507 9.76 31.61 48.39
C PRO A 1507 9.45 33.00 48.93
N ALA A 1508 9.01 33.08 50.19
CA ALA A 1508 8.75 34.40 50.81
C ALA A 1508 10.07 35.20 50.85
N ASN A 1509 11.18 34.53 51.17
CA ASN A 1509 12.47 35.22 51.28
C ASN A 1509 12.80 35.81 49.91
N LEU A 1510 12.51 35.07 48.84
CA LEU A 1510 12.84 35.56 47.48
C LEU A 1510 12.04 36.83 47.22
N ILE A 1511 10.78 36.86 47.67
CA ILE A 1511 9.90 38.03 47.41
C ILE A 1511 10.45 39.26 48.13
N ALA A 1512 10.88 39.10 49.38
CA ALA A 1512 11.46 40.23 50.17
C ALA A 1512 12.76 40.70 49.53
N ALA A 1513 13.56 39.77 48.99
CA ALA A 1513 14.85 40.11 48.35
C ALA A 1513 14.61 40.50 46.89
N ARG A 1514 13.35 40.54 46.45
CA ARG A 1514 13.02 41.00 45.06
C ARG A 1514 13.74 40.18 44.01
N GLY A 1515 13.71 38.85 44.10
CA GLY A 1515 14.31 37.99 43.07
C GLY A 1515 13.45 37.90 41.82
N ILE A 1516 13.92 37.19 40.80
CA ILE A 1516 13.14 37.00 39.54
C ILE A 1516 11.83 36.31 39.94
N PHE A 1517 11.89 35.47 40.96
CA PHE A 1517 10.69 34.75 41.42
C PHE A 1517 9.64 35.78 41.81
N TYR A 1518 10.06 36.86 42.47
CA TYR A 1518 9.05 37.84 42.92
C TYR A 1518 8.33 38.37 41.68
N GLY A 1519 9.08 38.61 40.61
CA GLY A 1519 8.44 39.19 39.42
C GLY A 1519 7.36 38.24 38.94
N MET A 1520 7.66 36.94 38.96
CA MET A 1520 6.63 35.94 38.58
C MET A 1520 5.49 35.94 39.61
N ALA A 1521 5.79 36.12 40.90
CA ALA A 1521 4.74 36.08 41.94
C ALA A 1521 3.73 37.20 41.69
N ARG A 1522 4.20 38.39 41.36
CA ARG A 1522 3.25 39.48 41.02
C ARG A 1522 2.50 39.12 39.74
N ASP A 1523 3.15 38.41 38.82
CA ASP A 1523 2.43 37.97 37.60
C ASP A 1523 1.26 37.07 38.02
N ALA A 1524 1.49 36.14 38.95
CA ALA A 1524 0.37 35.33 39.48
C ALA A 1524 -0.55 36.24 40.30
N GLY A 1525 0.03 37.16 41.08
CA GLY A 1525 -0.78 38.00 41.99
C GLY A 1525 -1.16 37.21 43.22
N LEU A 1526 -0.44 36.11 43.48
CA LEU A 1526 -0.79 35.25 44.63
C LEU A 1526 -0.67 36.06 45.92
N ALA A 1527 0.37 36.90 46.03
CA ALA A 1527 0.57 37.74 47.23
C ALA A 1527 0.97 39.16 46.79
#